data_4A7A
#
_entry.id   4A7A
#
_cell.length_a   131.470
_cell.length_b   223.220
_cell.length_c   86.530
_cell.angle_alpha   90.00
_cell.angle_beta   90.00
_cell.angle_gamma   90.00
#
_symmetry.space_group_name_H-M   'C 2 2 2'
#
loop_
_entity.id
_entity.type
_entity.pdbx_description
1 polymer 'AMINE OXIDASE [FLAVIN-CONTAINING] B'
2 non-polymer 'FLAVIN-ADENINE DINUCLEOTIDE'
3 non-polymer (R)-ROSIGLITAZONE
4 water water
#
_entity_poly.entity_id   1
_entity_poly.type   'polypeptide(L)'
_entity_poly.pdbx_seq_one_letter_code
;MSNKCDVVVVGGGISGMAAAKLLHDSGLNVVVLEARDRVGGRTYTLRNQKVKYVDLGGSYVGPTQNRILRLAKELGLETY
KVNEVERLIHHVKGKSYPFRGPFPPVWNPITYLDHNNFWRTMDDMGREIPSDAPWKAPLAEEWDNMTMKELLDKLCWTES
AKQLATLFVNLCVTAETHEVSALWFLWYVKQCGGTTRIISTTNGGQERKFVGGSGQVSERIMDLLGDRVKLERPVIYIDQ
TRENVLVETLNHEMYEAKYVISAIPPTLGMKIHFNPPLPMMRNQMITRVPLGSVIKCIVYYKEPFWRKKDYCGTMIIDGE
EAPVAYTLDDTKPEGNYAAIMGFILAHKARKLARLTKEERLKKLCELYAKVLGSLEALEPVHYEEKNWCEEQYSGGCYTT
YFPPGILTQYGRVLRQPVDRIYFAGTETATHWSGYMEGAVEAGERAAREILHAMGKIPEDEIWQSEPESVDVPAQPITTT
FLERHLPSVPGLLRLIGLTTIFSATALGFLAHKRGLLVRV
;
_entity_poly.pdbx_strand_id   A,B
#
# COMPACT_ATOMS: atom_id res chain seq x y z
N ASN A 3 -31.83 -4.56 15.23
CA ASN A 3 -30.88 -4.11 16.29
C ASN A 3 -30.11 -5.26 16.94
N LYS A 4 -30.82 -6.17 17.62
CA LYS A 4 -30.16 -7.25 18.39
C LYS A 4 -30.08 -8.58 17.63
N CYS A 5 -28.89 -9.17 17.60
CA CYS A 5 -28.68 -10.49 17.00
C CYS A 5 -27.47 -11.23 17.60
N ASP A 6 -27.19 -12.43 17.09
CA ASP A 6 -26.03 -13.20 17.52
C ASP A 6 -24.77 -12.74 16.80
N VAL A 7 -24.85 -12.62 15.47
CA VAL A 7 -23.68 -12.26 14.65
C VAL A 7 -24.04 -11.23 13.59
N VAL A 8 -23.26 -10.16 13.52
CA VAL A 8 -23.33 -9.21 12.42
C VAL A 8 -22.25 -9.60 11.42
N VAL A 9 -22.64 -9.76 10.16
CA VAL A 9 -21.69 -9.98 9.06
C VAL A 9 -21.58 -8.69 8.27
N VAL A 10 -20.37 -8.15 8.19
CA VAL A 10 -20.13 -6.93 7.43
C VAL A 10 -19.70 -7.31 6.01
N GLY A 11 -20.58 -7.03 5.05
CA GLY A 11 -20.30 -7.35 3.65
C GLY A 11 -21.13 -8.51 3.14
N GLY A 12 -21.84 -8.26 2.03
CA GLY A 12 -22.71 -9.24 1.39
C GLY A 12 -22.20 -9.72 0.05
N GLY A 13 -20.88 -9.92 -0.05
CA GLY A 13 -20.29 -10.64 -1.19
C GLY A 13 -20.44 -12.14 -0.94
N ILE A 14 -19.82 -12.96 -1.79
CA ILE A 14 -19.95 -14.41 -1.62
C ILE A 14 -19.47 -14.88 -0.24
N SER A 15 -18.37 -14.31 0.26
CA SER A 15 -17.81 -14.72 1.55
C SER A 15 -18.75 -14.44 2.72
N GLY A 16 -19.25 -13.21 2.79
CA GLY A 16 -20.19 -12.82 3.85
C GLY A 16 -21.47 -13.61 3.78
N MET A 17 -21.97 -13.82 2.56
CA MET A 17 -23.21 -14.60 2.36
C MET A 17 -23.01 -16.07 2.74
N ALA A 18 -21.85 -16.64 2.42
CA ALA A 18 -21.54 -18.03 2.82
C ALA A 18 -21.43 -18.15 4.34
N ALA A 19 -20.79 -17.18 4.98
CA ALA A 19 -20.69 -17.13 6.44
C ALA A 19 -22.09 -17.04 7.07
N ALA A 20 -22.90 -16.10 6.59
CA ALA A 20 -24.26 -15.89 7.10
C ALA A 20 -25.14 -17.13 6.97
N LYS A 21 -25.06 -17.78 5.81
CA LYS A 21 -25.84 -18.99 5.57
C LYS A 21 -25.48 -20.12 6.54
N LEU A 22 -24.18 -20.34 6.76
CA LEU A 22 -23.72 -21.38 7.66
C LEU A 22 -24.23 -21.14 9.09
N LEU A 23 -24.06 -19.90 9.57
CA LEU A 23 -24.53 -19.51 10.90
C LEU A 23 -26.06 -19.63 11.04
N HIS A 24 -26.78 -19.17 10.02
CA HIS A 24 -28.26 -19.26 9.98
C HIS A 24 -28.72 -20.72 10.03
N ASP A 25 -28.08 -21.57 9.23
CA ASP A 25 -28.39 -23.01 9.19
C ASP A 25 -28.11 -23.69 10.53
N SER A 26 -27.18 -23.13 11.29
CA SER A 26 -26.79 -23.66 12.60
C SER A 26 -27.72 -23.20 13.73
N GLY A 27 -28.70 -22.37 13.41
CA GLY A 27 -29.69 -21.91 14.39
C GLY A 27 -29.46 -20.53 15.01
N LEU A 28 -28.44 -19.82 14.52
CA LEU A 28 -28.15 -18.47 15.05
C LEU A 28 -28.90 -17.38 14.31
N ASN A 29 -29.09 -16.26 14.99
CA ASN A 29 -29.71 -15.06 14.42
C ASN A 29 -28.62 -14.18 13.83
N VAL A 30 -28.63 -14.06 12.50
CA VAL A 30 -27.63 -13.28 11.77
C VAL A 30 -28.23 -12.07 11.07
N VAL A 31 -27.40 -11.04 10.92
CA VAL A 31 -27.74 -9.89 10.07
C VAL A 31 -26.55 -9.66 9.15
N VAL A 32 -26.81 -9.33 7.89
CA VAL A 32 -25.78 -8.95 6.93
C VAL A 32 -25.91 -7.47 6.61
N LEU A 33 -24.85 -6.70 6.88
CA LEU A 33 -24.85 -5.27 6.58
C LEU A 33 -24.04 -5.02 5.29
N GLU A 34 -24.74 -4.63 4.24
CA GLU A 34 -24.13 -4.46 2.92
C GLU A 34 -24.20 -3.01 2.48
N ALA A 35 -23.04 -2.44 2.10
CA ALA A 35 -22.92 -1.04 1.71
C ALA A 35 -23.71 -0.64 0.45
N ARG A 36 -23.75 -1.55 -0.53
CA ARG A 36 -24.38 -1.26 -1.83
C ARG A 36 -25.88 -1.56 -1.83
N ASP A 37 -26.55 -1.13 -2.90
CA ASP A 37 -27.95 -1.47 -3.12
C ASP A 37 -28.15 -2.87 -3.70
N ARG A 38 -27.10 -3.69 -3.66
CA ARG A 38 -27.14 -5.07 -4.18
C ARG A 38 -26.18 -5.95 -3.37
N VAL A 39 -26.40 -7.26 -3.41
CA VAL A 39 -25.39 -8.23 -2.94
C VAL A 39 -24.50 -8.69 -4.11
N GLY A 40 -23.41 -9.39 -3.78
CA GLY A 40 -22.52 -10.01 -4.77
C GLY A 40 -21.11 -9.44 -4.81
N GLY A 41 -20.95 -8.17 -4.45
CA GLY A 41 -19.64 -7.51 -4.34
C GLY A 41 -18.84 -7.47 -5.63
N ARG A 42 -17.70 -8.16 -5.62
CA ARG A 42 -16.83 -8.31 -6.80
C ARG A 42 -17.40 -9.27 -7.86
N THR A 43 -18.54 -9.90 -7.56
CA THR A 43 -19.37 -10.53 -8.59
C THR A 43 -20.56 -9.63 -8.89
N TYR A 44 -20.92 -9.54 -10.17
CA TYR A 44 -22.04 -8.70 -10.62
C TYR A 44 -22.50 -9.20 -11.97
N THR A 45 -23.74 -9.68 -12.00
CA THR A 45 -24.37 -10.17 -13.21
C THR A 45 -25.36 -9.14 -13.72
N LEU A 46 -25.02 -8.51 -14.84
CA LEU A 46 -25.89 -7.55 -15.51
C LEU A 46 -26.92 -8.28 -16.36
N ARG A 47 -28.20 -7.89 -16.23
CA ARG A 47 -29.26 -8.42 -17.11
C ARG A 47 -29.90 -7.31 -17.94
N ASN A 48 -29.95 -7.53 -19.25
CA ASN A 48 -30.73 -6.70 -20.18
C ASN A 48 -31.07 -7.52 -21.43
N GLN A 49 -31.89 -6.95 -22.31
CA GLN A 49 -32.37 -7.70 -23.47
C GLN A 49 -31.29 -8.01 -24.50
N LYS A 50 -30.28 -7.14 -24.59
CA LYS A 50 -29.22 -7.30 -25.58
C LYS A 50 -28.24 -8.45 -25.27
N VAL A 51 -28.02 -8.69 -23.98
CA VAL A 51 -27.02 -9.68 -23.54
C VAL A 51 -27.65 -10.90 -22.85
N LYS A 52 -28.93 -10.78 -22.53
CA LYS A 52 -29.63 -11.69 -21.59
C LYS A 52 -29.06 -11.57 -20.17
N TYR A 53 -27.87 -12.12 -19.96
CA TYR A 53 -27.11 -11.94 -18.71
C TYR A 53 -25.62 -11.89 -19.05
N VAL A 54 -24.84 -11.20 -18.22
CA VAL A 54 -23.38 -11.18 -18.38
C VAL A 54 -22.69 -10.89 -17.06
N ASP A 55 -21.67 -11.69 -16.74
CA ASP A 55 -20.83 -11.46 -15.58
C ASP A 55 -19.84 -10.34 -15.88
N LEU A 56 -19.97 -9.23 -15.16
CA LEU A 56 -19.05 -8.09 -15.29
C LEU A 56 -17.94 -8.14 -14.24
N GLY A 57 -18.14 -8.97 -13.21
CA GLY A 57 -17.07 -9.29 -12.24
C GLY A 57 -16.66 -10.76 -12.31
N GLY A 58 -16.41 -11.35 -11.16
CA GLY A 58 -16.00 -12.76 -11.07
C GLY A 58 -16.94 -13.69 -11.82
N SER A 59 -16.37 -14.63 -12.57
CA SER A 59 -17.17 -15.50 -13.47
C SER A 59 -16.77 -16.97 -13.51
N TYR A 60 -15.47 -17.24 -13.62
CA TYR A 60 -14.97 -18.60 -13.90
C TYR A 60 -14.85 -19.46 -12.67
N VAL A 61 -15.25 -20.72 -12.79
CA VAL A 61 -14.96 -21.74 -11.80
C VAL A 61 -14.34 -22.95 -12.50
N GLY A 62 -13.67 -23.81 -11.75
CA GLY A 62 -12.99 -24.96 -12.35
C GLY A 62 -12.66 -26.10 -11.39
N PRO A 63 -12.09 -27.18 -11.93
CA PRO A 63 -11.71 -28.34 -11.11
C PRO A 63 -10.83 -27.93 -9.92
N THR A 64 -11.07 -28.60 -8.78
CA THR A 64 -10.45 -28.32 -7.46
C THR A 64 -11.09 -27.20 -6.64
N GLN A 65 -12.01 -26.45 -7.25
CA GLN A 65 -12.77 -25.41 -6.52
C GLN A 65 -14.08 -25.99 -5.99
N ASN A 66 -13.96 -26.97 -5.11
CA ASN A 66 -15.10 -27.79 -4.69
C ASN A 66 -16.11 -27.09 -3.79
N ARG A 67 -15.67 -26.08 -3.03
CA ARG A 67 -16.57 -25.36 -2.13
C ARG A 67 -17.59 -24.48 -2.88
N ILE A 68 -17.10 -23.67 -3.81
CA ILE A 68 -18.02 -22.85 -4.63
C ILE A 68 -18.94 -23.73 -5.47
N LEU A 69 -18.42 -24.85 -5.96
CA LEU A 69 -19.25 -25.76 -6.75
C LEU A 69 -20.37 -26.38 -5.91
N ARG A 70 -20.05 -26.77 -4.70
CA ARG A 70 -21.03 -27.38 -3.78
C ARG A 70 -22.08 -26.35 -3.34
N LEU A 71 -21.63 -25.16 -2.95
CA LEU A 71 -22.56 -24.09 -2.59
C LEU A 71 -23.52 -23.74 -3.72
N ALA A 72 -22.98 -23.54 -4.91
CA ALA A 72 -23.80 -23.20 -6.06
C ALA A 72 -24.78 -24.34 -6.43
N LYS A 73 -24.30 -25.58 -6.34
CA LYS A 73 -25.16 -26.75 -6.62
C LYS A 73 -26.35 -26.78 -5.66
N GLU A 74 -26.08 -26.56 -4.37
CA GLU A 74 -27.11 -26.61 -3.33
C GLU A 74 -28.17 -25.54 -3.56
N LEU A 75 -27.75 -24.41 -4.14
CA LEU A 75 -28.64 -23.29 -4.45
C LEU A 75 -29.42 -23.47 -5.75
N GLY A 76 -29.17 -24.58 -6.44
CA GLY A 76 -29.89 -24.93 -7.66
C GLY A 76 -29.26 -24.42 -8.95
N LEU A 77 -27.98 -24.09 -8.91
CA LEU A 77 -27.28 -23.58 -10.09
C LEU A 77 -26.56 -24.68 -10.88
N GLU A 78 -26.31 -24.41 -12.16
CA GLU A 78 -25.62 -25.32 -13.05
C GLU A 78 -24.43 -24.62 -13.70
N THR A 79 -23.44 -25.39 -14.14
CA THR A 79 -22.30 -24.85 -14.90
C THR A 79 -22.35 -25.27 -16.37
N TYR A 80 -21.56 -24.57 -17.19
CA TYR A 80 -21.27 -24.98 -18.55
C TYR A 80 -19.80 -24.70 -18.86
N LYS A 81 -19.26 -25.38 -19.87
CA LYS A 81 -17.86 -25.26 -20.21
C LYS A 81 -17.60 -24.08 -21.15
N VAL A 82 -16.59 -23.29 -20.82
CA VAL A 82 -16.07 -22.22 -21.67
C VAL A 82 -15.53 -22.86 -22.96
N ASN A 83 -15.78 -22.22 -24.11
CA ASN A 83 -15.37 -22.82 -25.39
C ASN A 83 -13.86 -22.92 -25.56
N GLU A 84 -13.37 -24.16 -25.67
CA GLU A 84 -11.96 -24.39 -26.01
C GLU A 84 -11.85 -25.55 -27.01
N VAL A 85 -12.83 -25.66 -27.90
CA VAL A 85 -12.85 -26.74 -28.90
C VAL A 85 -11.76 -26.51 -29.95
N GLU A 86 -11.68 -25.28 -30.45
CA GLU A 86 -10.75 -24.90 -31.53
C GLU A 86 -9.39 -24.38 -30.99
N ARG A 87 -8.58 -23.77 -31.87
CA ARG A 87 -7.21 -23.39 -31.50
C ARG A 87 -7.16 -22.11 -30.68
N LEU A 88 -6.20 -22.05 -29.76
CA LEU A 88 -5.87 -20.84 -29.01
C LEU A 88 -4.94 -20.00 -29.89
N ILE A 89 -4.80 -18.71 -29.60
CA ILE A 89 -3.86 -17.85 -30.33
C ILE A 89 -2.89 -17.18 -29.38
N HIS A 90 -1.59 -17.23 -29.71
CA HIS A 90 -0.59 -16.41 -29.06
C HIS A 90 -0.14 -15.34 -30.07
N HIS A 91 -0.38 -14.08 -29.73
CA HIS A 91 -0.03 -12.96 -30.60
C HIS A 91 1.18 -12.28 -30.00
N VAL A 92 2.28 -12.29 -30.73
CA VAL A 92 3.54 -11.71 -30.24
C VAL A 92 4.27 -11.04 -31.40
N LYS A 93 4.83 -9.85 -31.12
CA LYS A 93 5.50 -9.02 -32.12
C LYS A 93 4.64 -8.76 -33.36
N GLY A 94 3.35 -8.56 -33.14
CA GLY A 94 2.43 -8.21 -34.22
C GLY A 94 1.95 -9.32 -35.11
N LYS A 95 2.26 -10.57 -34.77
CA LYS A 95 1.83 -11.75 -35.53
C LYS A 95 1.15 -12.78 -34.65
N SER A 96 0.17 -13.49 -35.22
CA SER A 96 -0.59 -14.52 -34.50
C SER A 96 -0.10 -15.94 -34.80
N TYR A 97 0.03 -16.73 -33.73
CA TYR A 97 0.49 -18.12 -33.80
C TYR A 97 -0.53 -19.05 -33.12
N PRO A 98 -1.37 -19.74 -33.90
CA PRO A 98 -2.36 -20.67 -33.33
C PRO A 98 -1.70 -21.90 -32.71
N PHE A 99 -2.32 -22.43 -31.66
CA PHE A 99 -1.77 -23.58 -30.94
C PHE A 99 -2.82 -24.33 -30.14
N ARG A 100 -2.44 -25.49 -29.64
CA ARG A 100 -3.26 -26.29 -28.72
C ARG A 100 -2.42 -26.68 -27.48
N GLY A 101 -3.10 -27.00 -26.38
CA GLY A 101 -2.44 -27.21 -25.08
C GLY A 101 -2.47 -25.90 -24.31
N PRO A 102 -2.29 -25.95 -22.98
CA PRO A 102 -2.41 -24.74 -22.16
C PRO A 102 -1.28 -23.71 -22.34
N PHE A 103 -0.08 -24.19 -22.66
CA PHE A 103 1.09 -23.32 -22.82
C PHE A 103 1.40 -23.06 -24.30
N PRO A 104 1.61 -21.79 -24.69
CA PRO A 104 2.02 -21.55 -26.08
C PRO A 104 3.36 -22.20 -26.40
N PRO A 105 3.44 -22.96 -27.50
CA PRO A 105 4.64 -23.71 -27.87
C PRO A 105 5.81 -22.81 -28.28
N VAL A 106 7.02 -23.33 -28.06
CA VAL A 106 8.26 -22.61 -28.34
C VAL A 106 9.15 -23.55 -29.15
N TRP A 107 9.67 -23.09 -30.28
CA TRP A 107 10.45 -23.94 -31.17
C TRP A 107 11.97 -23.84 -31.03
N ASN A 108 12.47 -22.63 -30.79
CA ASN A 108 13.90 -22.40 -30.56
C ASN A 108 14.38 -23.18 -29.33
N PRO A 109 15.39 -24.07 -29.50
CA PRO A 109 15.86 -24.96 -28.43
C PRO A 109 16.31 -24.22 -27.16
N ILE A 110 17.03 -23.12 -27.32
CA ILE A 110 17.47 -22.29 -26.18
C ILE A 110 16.26 -21.66 -25.48
N THR A 111 15.40 -21.04 -26.28
CA THR A 111 14.16 -20.45 -25.79
C THR A 111 13.27 -21.50 -25.14
N TYR A 112 13.21 -22.70 -25.71
CA TYR A 112 12.44 -23.79 -25.11
C TYR A 112 12.93 -24.13 -23.70
N LEU A 113 14.25 -24.28 -23.53
CA LEU A 113 14.84 -24.56 -22.22
C LEU A 113 14.50 -23.47 -21.20
N ASP A 114 14.57 -22.21 -21.65
CA ASP A 114 14.32 -21.08 -20.77
C ASP A 114 12.85 -21.04 -20.33
N HIS A 115 11.93 -21.25 -21.28
CA HIS A 115 10.50 -21.32 -20.96
C HIS A 115 10.18 -22.46 -20.00
N ASN A 116 10.69 -23.65 -20.33
CA ASN A 116 10.46 -24.82 -19.50
C ASN A 116 10.93 -24.59 -18.09
N ASN A 117 12.14 -24.02 -17.96
CA ASN A 117 12.73 -23.73 -16.65
C ASN A 117 11.95 -22.68 -15.88
N PHE A 118 11.43 -21.66 -16.57
CA PHE A 118 10.63 -20.63 -15.90
C PHE A 118 9.42 -21.24 -15.16
N TRP A 119 8.56 -21.95 -15.87
CA TRP A 119 7.35 -22.50 -15.27
C TRP A 119 7.71 -23.50 -14.17
N ARG A 120 8.67 -24.37 -14.46
CA ARG A 120 9.16 -25.36 -13.50
C ARG A 120 9.63 -24.71 -12.20
N THR A 121 10.38 -23.62 -12.33
CA THR A 121 10.96 -22.93 -11.17
C THR A 121 9.89 -22.22 -10.34
N MET A 122 8.89 -21.64 -11.00
CA MET A 122 7.73 -21.08 -10.27
C MET A 122 7.13 -22.13 -9.33
N ASP A 123 6.96 -23.35 -9.85
CA ASP A 123 6.36 -24.41 -9.04
C ASP A 123 7.35 -24.98 -8.01
N ASP A 124 8.63 -25.08 -8.37
CA ASP A 124 9.68 -25.51 -7.44
C ASP A 124 9.69 -24.62 -6.18
N MET A 125 9.76 -23.31 -6.41
CA MET A 125 9.75 -22.34 -5.33
C MET A 125 8.46 -22.41 -4.54
N GLY A 126 7.33 -22.60 -5.25
CA GLY A 126 6.02 -22.74 -4.62
C GLY A 126 5.96 -23.86 -3.58
N ARG A 127 6.60 -24.98 -3.89
CA ARG A 127 6.59 -26.14 -2.98
C ARG A 127 7.30 -25.87 -1.64
N GLU A 128 8.09 -24.80 -1.59
CA GLU A 128 8.77 -24.37 -0.37
C GLU A 128 7.89 -23.50 0.55
N ILE A 129 6.71 -23.12 0.04
CA ILE A 129 5.86 -22.10 0.69
C ILE A 129 4.58 -22.71 1.28
N PRO A 130 4.45 -22.72 2.61
CA PRO A 130 3.22 -23.28 3.19
C PRO A 130 2.00 -22.41 2.83
N SER A 131 0.93 -23.07 2.38
CA SER A 131 -0.30 -22.36 1.99
C SER A 131 -0.91 -21.54 3.10
N ASP A 132 -0.83 -22.05 4.32
CA ASP A 132 -1.46 -21.39 5.47
C ASP A 132 -0.50 -20.48 6.23
N ALA A 133 0.76 -20.41 5.78
CA ALA A 133 1.77 -19.60 6.44
C ALA A 133 2.98 -19.31 5.52
N PRO A 134 2.76 -18.51 4.45
CA PRO A 134 3.84 -18.25 3.48
C PRO A 134 5.10 -17.63 4.08
N TRP A 135 4.93 -16.87 5.15
CA TRP A 135 6.06 -16.26 5.88
C TRP A 135 6.97 -17.31 6.54
N LYS A 136 6.53 -18.58 6.57
CA LYS A 136 7.36 -19.66 7.11
C LYS A 136 8.25 -20.37 6.09
N ALA A 137 8.19 -19.95 4.83
CA ALA A 137 9.12 -20.47 3.81
C ALA A 137 10.57 -20.23 4.29
N PRO A 138 11.48 -21.19 4.03
CA PRO A 138 12.85 -21.03 4.50
C PRO A 138 13.53 -19.75 4.03
N LEU A 139 13.24 -19.32 2.80
CA LEU A 139 13.81 -18.10 2.26
C LEU A 139 12.75 -17.00 2.15
N ALA A 140 11.80 -16.99 3.08
CA ALA A 140 10.68 -16.05 3.01
C ALA A 140 11.14 -14.61 2.91
N GLU A 141 12.10 -14.23 3.76
CA GLU A 141 12.60 -12.85 3.79
C GLU A 141 13.27 -12.46 2.48
N GLU A 142 14.22 -13.28 2.02
CA GLU A 142 14.86 -13.05 0.73
C GLU A 142 13.85 -12.88 -0.41
N TRP A 143 12.86 -13.77 -0.47
CA TRP A 143 11.90 -13.74 -1.57
C TRP A 143 10.90 -12.57 -1.44
N ASP A 144 10.56 -12.21 -0.20
CA ASP A 144 9.63 -11.09 0.06
C ASP A 144 10.27 -9.72 -0.20
N ASN A 145 11.60 -9.66 -0.15
CA ASN A 145 12.32 -8.39 -0.32
C ASN A 145 12.68 -8.07 -1.78
N MET A 146 12.15 -8.88 -2.70
CA MET A 146 12.35 -8.82 -4.14
C MET A 146 10.98 -8.63 -4.78
N THR A 147 10.89 -7.82 -5.85
CA THR A 147 9.66 -7.79 -6.66
C THR A 147 9.65 -8.97 -7.64
N MET A 148 8.50 -9.25 -8.22
CA MET A 148 8.46 -10.22 -9.33
C MET A 148 9.32 -9.79 -10.51
N LYS A 149 9.45 -8.47 -10.74
CA LYS A 149 10.31 -7.98 -11.83
C LYS A 149 11.76 -8.43 -11.60
N GLU A 150 12.26 -8.26 -10.37
CA GLU A 150 13.62 -8.66 -10.05
C GLU A 150 13.83 -10.15 -10.24
N LEU A 151 12.83 -10.94 -9.85
CA LEU A 151 12.92 -12.40 -9.96
C LEU A 151 12.95 -12.84 -11.42
N LEU A 152 12.06 -12.27 -12.24
CA LEU A 152 12.06 -12.54 -13.68
C LEU A 152 13.39 -12.14 -14.35
N ASP A 153 13.93 -11.00 -13.95
CA ASP A 153 15.23 -10.53 -14.47
C ASP A 153 16.34 -11.56 -14.19
N LYS A 154 16.29 -12.19 -13.02
CA LYS A 154 17.30 -13.21 -12.65
C LYS A 154 17.06 -14.55 -13.36
N LEU A 155 15.79 -14.92 -13.50
CA LEU A 155 15.41 -16.26 -13.95
C LEU A 155 15.37 -16.44 -15.46
N CYS A 156 14.94 -15.41 -16.18
CA CYS A 156 14.69 -15.54 -17.61
C CYS A 156 15.90 -15.11 -18.41
N TRP A 157 16.50 -16.07 -19.13
CA TRP A 157 17.69 -15.79 -19.94
C TRP A 157 17.32 -15.42 -21.37
N THR A 158 16.02 -15.49 -21.69
CA THR A 158 15.53 -15.01 -22.98
C THR A 158 14.46 -13.94 -22.79
N GLU A 159 14.41 -12.98 -23.72
CA GLU A 159 13.34 -11.98 -23.72
C GLU A 159 11.97 -12.60 -23.95
N SER A 160 11.92 -13.68 -24.74
CA SER A 160 10.69 -14.40 -25.02
C SER A 160 10.04 -14.92 -23.72
N ALA A 161 10.85 -15.57 -22.87
CA ALA A 161 10.32 -16.07 -21.59
C ALA A 161 9.93 -14.91 -20.67
N LYS A 162 10.79 -13.89 -20.59
CA LYS A 162 10.51 -12.73 -19.75
C LYS A 162 9.20 -12.05 -20.13
N GLN A 163 8.96 -11.88 -21.44
CA GLN A 163 7.73 -11.26 -21.94
C GLN A 163 6.48 -12.06 -21.56
N LEU A 164 6.52 -13.38 -21.75
CA LEU A 164 5.37 -14.22 -21.43
C LEU A 164 5.14 -14.30 -19.92
N ALA A 165 6.22 -14.37 -19.15
CA ALA A 165 6.15 -14.38 -17.69
C ALA A 165 5.53 -13.09 -17.16
N THR A 166 5.87 -11.97 -17.79
CA THR A 166 5.30 -10.67 -17.42
C THR A 166 3.79 -10.66 -17.63
N LEU A 167 3.35 -11.11 -18.81
CA LEU A 167 1.93 -11.22 -19.11
C LEU A 167 1.24 -12.13 -18.07
N PHE A 168 1.85 -13.27 -17.79
CA PHE A 168 1.39 -14.21 -16.76
C PHE A 168 1.10 -13.51 -15.41
N VAL A 169 2.05 -12.70 -14.95
CA VAL A 169 1.87 -11.99 -13.68
C VAL A 169 0.73 -10.97 -13.80
N ASN A 170 0.79 -10.14 -14.84
CA ASN A 170 -0.23 -9.10 -15.07
C ASN A 170 -1.64 -9.70 -15.07
N LEU A 171 -1.79 -10.87 -15.71
CA LEU A 171 -3.11 -11.48 -15.91
C LEU A 171 -3.62 -12.17 -14.64
N CYS A 172 -2.71 -12.79 -13.90
CA CYS A 172 -3.06 -13.48 -12.66
C CYS A 172 -3.51 -12.51 -11.55
N VAL A 173 -2.80 -11.39 -11.41
CA VAL A 173 -2.99 -10.52 -10.23
C VAL A 173 -3.23 -9.02 -10.55
N THR A 174 -3.56 -8.73 -11.81
CA THR A 174 -3.92 -7.38 -12.29
C THR A 174 -3.00 -6.28 -11.75
N ALA A 175 -1.71 -6.58 -11.78
CA ALA A 175 -0.68 -5.69 -11.26
C ALA A 175 0.62 -5.89 -12.04
N GLU A 176 1.48 -4.87 -12.00
CA GLU A 176 2.76 -4.91 -12.69
C GLU A 176 3.76 -5.78 -11.92
N THR A 177 4.74 -6.35 -12.63
CA THR A 177 5.73 -7.22 -12.00
C THR A 177 6.54 -6.46 -10.95
N HIS A 178 6.82 -5.18 -11.22
CA HIS A 178 7.54 -4.34 -10.24
C HIS A 178 6.69 -3.90 -9.03
N GLU A 179 5.37 -4.14 -9.06
CA GLU A 179 4.49 -3.71 -7.96
C GLU A 179 4.39 -4.73 -6.82
N VAL A 180 4.63 -6.00 -7.15
CA VAL A 180 4.28 -7.11 -6.24
C VAL A 180 5.49 -7.86 -5.69
N SER A 181 5.37 -8.33 -4.44
CA SER A 181 6.38 -9.17 -3.82
C SER A 181 6.48 -10.51 -4.54
N ALA A 182 7.71 -10.99 -4.74
CA ALA A 182 7.93 -12.32 -5.31
C ALA A 182 7.41 -13.42 -4.39
N LEU A 183 7.68 -13.33 -3.09
CA LEU A 183 7.14 -14.32 -2.15
C LEU A 183 5.62 -14.41 -2.24
N TRP A 184 4.96 -13.25 -2.21
CA TRP A 184 3.51 -13.22 -2.27
C TRP A 184 3.00 -13.82 -3.59
N PHE A 185 3.60 -13.44 -4.72
CA PHE A 185 3.13 -13.99 -6.00
C PHE A 185 3.34 -15.50 -6.09
N LEU A 186 4.49 -15.98 -5.62
CA LEU A 186 4.78 -17.40 -5.63
C LEU A 186 3.79 -18.17 -4.74
N TRP A 187 3.43 -17.58 -3.59
CA TRP A 187 2.40 -18.15 -2.73
C TRP A 187 1.07 -18.21 -3.46
N TYR A 188 0.71 -17.08 -4.10
CA TYR A 188 -0.59 -16.95 -4.75
C TYR A 188 -0.78 -18.04 -5.80
N VAL A 189 0.24 -18.28 -6.62
CA VAL A 189 0.17 -19.34 -7.63
C VAL A 189 0.10 -20.74 -7.01
N LYS A 190 0.95 -21.00 -6.02
CA LYS A 190 1.01 -22.31 -5.37
C LYS A 190 -0.33 -22.67 -4.70
N GLN A 191 -0.95 -21.68 -4.06
CA GLN A 191 -2.21 -21.93 -3.33
C GLN A 191 -3.43 -22.12 -4.25
N CYS A 192 -3.27 -21.87 -5.56
CA CYS A 192 -4.26 -22.27 -6.56
C CYS A 192 -3.96 -23.62 -7.19
N GLY A 193 -2.88 -24.28 -6.77
CA GLY A 193 -2.52 -25.59 -7.33
C GLY A 193 -1.35 -25.54 -8.30
N GLY A 194 -0.81 -24.35 -8.53
CA GLY A 194 0.38 -24.21 -9.40
C GLY A 194 0.12 -23.61 -10.76
N THR A 195 1.19 -23.51 -11.56
CA THR A 195 1.13 -22.80 -12.84
C THR A 195 0.13 -23.41 -13.81
N THR A 196 0.20 -24.71 -14.03
CA THR A 196 -0.70 -25.36 -14.99
C THR A 196 -2.17 -25.14 -14.61
N ARG A 197 -2.51 -25.36 -13.35
CA ARG A 197 -3.89 -25.21 -12.90
C ARG A 197 -4.40 -23.78 -13.04
N ILE A 198 -3.57 -22.81 -12.68
CA ILE A 198 -4.04 -21.42 -12.68
C ILE A 198 -4.26 -20.86 -14.09
N ILE A 199 -3.44 -21.31 -15.05
CA ILE A 199 -3.51 -20.79 -16.43
C ILE A 199 -4.45 -21.56 -17.35
N SER A 200 -4.92 -22.71 -16.91
CA SER A 200 -5.69 -23.57 -17.82
C SER A 200 -7.17 -23.27 -17.89
N THR A 201 -7.72 -23.37 -19.10
CA THR A 201 -9.16 -23.37 -19.29
C THR A 201 -9.63 -24.80 -19.05
N THR A 202 -9.48 -25.68 -20.05
CA THR A 202 -9.74 -27.11 -19.82
C THR A 202 -8.82 -27.59 -18.69
N ASN A 203 -9.41 -28.25 -17.68
CA ASN A 203 -8.71 -28.72 -16.47
C ASN A 203 -8.11 -27.64 -15.56
N GLY A 204 -8.58 -26.42 -15.68
CA GLY A 204 -8.09 -25.37 -14.79
C GLY A 204 -9.11 -24.36 -14.33
N GLY A 205 -8.60 -23.25 -13.81
CA GLY A 205 -9.43 -22.20 -13.21
C GLY A 205 -10.50 -21.62 -14.12
N GLN A 206 -10.25 -21.65 -15.43
CA GLN A 206 -11.17 -21.02 -16.38
C GLN A 206 -12.08 -22.00 -17.12
N GLU A 207 -12.28 -23.19 -16.57
CA GLU A 207 -13.00 -24.23 -17.31
C GLU A 207 -14.47 -23.91 -17.55
N ARG A 208 -15.11 -23.29 -16.55
CA ARG A 208 -16.56 -23.17 -16.54
C ARG A 208 -17.09 -21.81 -16.10
N LYS A 209 -18.36 -21.57 -16.39
CA LYS A 209 -19.12 -20.44 -15.87
C LYS A 209 -20.45 -20.97 -15.35
N PHE A 210 -21.14 -20.17 -14.54
CA PHE A 210 -22.50 -20.51 -14.12
C PHE A 210 -23.53 -20.11 -15.16
N VAL A 211 -24.46 -21.03 -15.47
CA VAL A 211 -25.62 -20.70 -16.28
C VAL A 211 -26.42 -19.63 -15.56
N GLY A 212 -26.59 -18.48 -16.21
CA GLY A 212 -27.33 -17.37 -15.61
C GLY A 212 -26.52 -16.35 -14.82
N GLY A 213 -25.23 -16.61 -14.64
CA GLY A 213 -24.33 -15.67 -13.95
C GLY A 213 -24.01 -16.03 -12.51
N SER A 214 -22.81 -15.61 -12.06
CA SER A 214 -22.36 -15.92 -10.71
C SER A 214 -23.06 -15.11 -9.63
N GLY A 215 -23.66 -13.98 -10.02
CA GLY A 215 -24.36 -13.11 -9.07
C GLY A 215 -25.51 -13.83 -8.37
N GLN A 216 -26.03 -14.87 -9.01
CA GLN A 216 -27.08 -15.72 -8.44
C GLN A 216 -26.68 -16.39 -7.11
N VAL A 217 -25.39 -16.67 -6.92
CA VAL A 217 -24.95 -17.28 -5.65
C VAL A 217 -25.33 -16.38 -4.47
N SER A 218 -24.91 -15.12 -4.52
CA SER A 218 -25.22 -14.18 -3.45
C SER A 218 -26.72 -13.86 -3.41
N GLU A 219 -27.35 -13.74 -4.59
CA GLU A 219 -28.78 -13.44 -4.66
C GLU A 219 -29.64 -14.53 -4.02
N ARG A 220 -29.33 -15.79 -4.33
CA ARG A 220 -30.14 -16.89 -3.80
C ARG A 220 -29.95 -17.08 -2.29
N ILE A 221 -28.77 -16.77 -1.78
CA ILE A 221 -28.57 -16.77 -0.32
C ILE A 221 -29.35 -15.63 0.34
N MET A 222 -29.39 -14.46 -0.31
CA MET A 222 -30.23 -13.37 0.18
C MET A 222 -31.71 -13.78 0.27
N ASP A 223 -32.17 -14.55 -0.72
CA ASP A 223 -33.55 -15.04 -0.74
C ASP A 223 -33.82 -15.92 0.48
N LEU A 224 -32.87 -16.82 0.78
CA LEU A 224 -32.98 -17.71 1.93
C LEU A 224 -32.99 -16.97 3.26
N LEU A 225 -32.27 -15.86 3.33
CA LEU A 225 -32.11 -15.11 4.59
C LEU A 225 -33.22 -14.08 4.84
N GLY A 226 -33.95 -13.73 3.78
CA GLY A 226 -35.04 -12.75 3.89
C GLY A 226 -34.57 -11.38 4.34
N ASP A 227 -35.29 -10.82 5.31
CA ASP A 227 -35.03 -9.45 5.77
C ASP A 227 -33.76 -9.30 6.61
N ARG A 228 -33.05 -10.40 6.84
CA ARG A 228 -31.79 -10.36 7.58
C ARG A 228 -30.68 -9.64 6.80
N VAL A 229 -30.83 -9.54 5.48
CA VAL A 229 -29.89 -8.78 4.65
C VAL A 229 -30.35 -7.32 4.55
N LYS A 230 -29.48 -6.41 5.00
CA LYS A 230 -29.77 -4.98 4.99
C LYS A 230 -28.93 -4.27 3.93
N LEU A 231 -29.57 -3.85 2.85
CA LEU A 231 -28.87 -3.16 1.76
C LEU A 231 -28.74 -1.67 2.04
N GLU A 232 -27.70 -1.06 1.47
CA GLU A 232 -27.37 0.36 1.69
C GLU A 232 -27.16 0.67 3.19
N ARG A 233 -26.45 -0.25 3.85
CA ARG A 233 -25.97 -0.07 5.21
C ARG A 233 -24.43 -0.17 5.26
N PRO A 234 -23.75 0.87 4.77
CA PRO A 234 -22.28 0.84 4.93
C PRO A 234 -21.92 0.98 6.41
N VAL A 235 -21.07 0.08 6.89
CA VAL A 235 -20.59 0.12 8.28
C VAL A 235 -19.53 1.19 8.43
N ILE A 236 -19.68 2.01 9.48
CA ILE A 236 -18.77 3.13 9.76
C ILE A 236 -18.04 3.02 11.10
N TYR A 237 -18.53 2.17 12.01
CA TYR A 237 -18.08 2.18 13.40
C TYR A 237 -18.34 0.85 14.08
N ILE A 238 -17.32 0.33 14.74
CA ILE A 238 -17.44 -0.89 15.54
C ILE A 238 -16.86 -0.63 16.93
N ASP A 239 -17.69 -0.86 17.95
CA ASP A 239 -17.32 -0.55 19.33
C ASP A 239 -17.38 -1.83 20.15
N GLN A 240 -16.23 -2.24 20.68
CA GLN A 240 -16.12 -3.47 21.45
C GLN A 240 -15.83 -3.23 22.94
N THR A 241 -16.08 -2.02 23.42
CA THR A 241 -15.76 -1.65 24.81
C THR A 241 -16.74 -2.23 25.84
N ARG A 242 -17.91 -2.66 25.37
CA ARG A 242 -18.97 -3.16 26.25
C ARG A 242 -19.21 -4.65 26.04
N GLU A 243 -20.16 -5.20 26.80
CA GLU A 243 -20.43 -6.64 26.80
C GLU A 243 -20.84 -7.18 25.43
N ASN A 244 -21.72 -6.46 24.74
CA ASN A 244 -22.09 -6.78 23.36
C ASN A 244 -21.41 -5.81 22.40
N VAL A 245 -21.05 -6.29 21.21
CA VAL A 245 -20.43 -5.45 20.18
C VAL A 245 -21.48 -4.55 19.53
N LEU A 246 -21.13 -3.28 19.34
CA LEU A 246 -22.01 -2.31 18.69
C LEU A 246 -21.48 -1.99 17.30
N VAL A 247 -22.32 -2.15 16.29
CA VAL A 247 -21.96 -1.86 14.90
C VAL A 247 -22.88 -0.78 14.33
N GLU A 248 -22.30 0.36 13.95
CA GLU A 248 -23.09 1.48 13.43
C GLU A 248 -22.94 1.64 11.93
N THR A 249 -24.03 2.03 11.26
CA THR A 249 -24.02 2.24 9.81
C THR A 249 -24.14 3.72 9.44
N LEU A 250 -23.83 4.03 8.17
CA LEU A 250 -23.84 5.39 7.66
C LEU A 250 -25.24 6.02 7.67
N ASN A 251 -26.25 5.20 7.43
CA ASN A 251 -27.67 5.65 7.44
C ASN A 251 -28.25 5.67 8.85
N HIS A 252 -27.34 5.67 9.84
CA HIS A 252 -27.61 6.00 11.25
C HIS A 252 -28.13 4.88 12.17
N GLU A 253 -28.22 3.65 11.64
CA GLU A 253 -28.72 2.51 12.41
C GLU A 253 -27.67 1.91 13.34
N MET A 254 -28.13 1.29 14.42
CA MET A 254 -27.24 0.60 15.36
C MET A 254 -27.60 -0.87 15.47
N TYR A 255 -26.60 -1.73 15.38
CA TYR A 255 -26.78 -3.17 15.52
C TYR A 255 -25.96 -3.67 16.70
N GLU A 256 -26.54 -4.60 17.45
CA GLU A 256 -25.89 -5.16 18.64
C GLU A 256 -25.75 -6.68 18.48
N ALA A 257 -24.53 -7.19 18.71
CA ALA A 257 -24.25 -8.60 18.48
C ALA A 257 -23.22 -9.18 19.47
N LYS A 258 -23.16 -10.50 19.53
CA LYS A 258 -22.14 -11.21 20.30
C LYS A 258 -20.78 -11.18 19.60
N TYR A 259 -20.79 -11.36 18.28
CA TYR A 259 -19.56 -11.39 17.46
C TYR A 259 -19.80 -10.68 16.14
N VAL A 260 -18.70 -10.31 15.47
CA VAL A 260 -18.78 -9.72 14.13
C VAL A 260 -17.89 -10.53 13.18
N ILE A 261 -18.34 -10.69 11.93
CA ILE A 261 -17.46 -11.16 10.86
C ILE A 261 -17.24 -10.01 9.88
N SER A 262 -15.96 -9.68 9.66
CA SER A 262 -15.58 -8.70 8.64
C SER A 262 -15.31 -9.45 7.34
N ALA A 263 -16.21 -9.29 6.38
CA ALA A 263 -16.13 -10.03 5.11
C ALA A 263 -15.86 -9.08 3.93
N ILE A 264 -15.07 -8.04 4.19
CA ILE A 264 -14.74 -7.01 3.19
C ILE A 264 -13.24 -7.12 2.84
N PRO A 265 -12.81 -6.59 1.67
CA PRO A 265 -11.36 -6.55 1.36
C PRO A 265 -10.59 -5.92 2.52
N PRO A 266 -9.41 -6.48 2.86
CA PRO A 266 -8.68 -6.04 4.05
C PRO A 266 -8.52 -4.52 4.13
N THR A 267 -8.08 -3.88 3.04
CA THR A 267 -7.89 -2.43 3.08
C THR A 267 -9.18 -1.64 3.33
N LEU A 268 -10.32 -2.19 2.92
CA LEU A 268 -11.61 -1.51 3.14
C LEU A 268 -12.02 -1.45 4.63
N GLY A 269 -11.32 -2.20 5.47
CA GLY A 269 -11.42 -2.04 6.92
C GLY A 269 -11.08 -0.63 7.39
N MET A 270 -10.32 0.11 6.58
CA MET A 270 -10.03 1.53 6.83
C MET A 270 -11.27 2.41 6.86
N LYS A 271 -12.35 1.98 6.21
CA LYS A 271 -13.58 2.79 6.16
C LYS A 271 -14.37 2.72 7.48
N ILE A 272 -13.88 1.89 8.40
CA ILE A 272 -14.52 1.70 9.70
C ILE A 272 -13.64 2.32 10.77
N HIS A 273 -14.28 3.08 11.67
CA HIS A 273 -13.61 3.64 12.84
C HIS A 273 -13.76 2.65 13.99
N PHE A 274 -12.67 2.32 14.66
CA PHE A 274 -12.68 1.27 15.67
C PHE A 274 -12.53 1.82 17.09
N ASN A 275 -13.30 1.24 18.00
CA ASN A 275 -13.19 1.54 19.43
C ASN A 275 -13.21 0.22 20.20
N PRO A 276 -12.12 -0.11 20.91
CA PRO A 276 -10.84 0.62 21.00
C PRO A 276 -10.11 0.53 19.65
N PRO A 277 -9.02 1.30 19.49
CA PRO A 277 -8.27 1.25 18.22
C PRO A 277 -7.76 -0.16 17.94
N LEU A 278 -7.59 -0.49 16.66
CA LEU A 278 -7.03 -1.79 16.28
C LEU A 278 -5.63 -1.95 16.87
N PRO A 279 -5.19 -3.20 17.14
CA PRO A 279 -3.80 -3.40 17.51
C PRO A 279 -2.86 -2.86 16.41
N MET A 280 -1.66 -2.43 16.81
CA MET A 280 -0.68 -1.83 15.90
C MET A 280 -0.50 -2.57 14.56
N MET A 281 -0.34 -3.88 14.61
CA MET A 281 -0.04 -4.62 13.39
C MET A 281 -1.18 -4.58 12.38
N ARG A 282 -2.42 -4.80 12.83
CA ARG A 282 -3.55 -4.66 11.92
C ARG A 282 -3.79 -3.19 11.46
N ASN A 283 -3.60 -2.23 12.38
CA ASN A 283 -3.75 -0.81 12.05
C ASN A 283 -2.90 -0.42 10.83
N GLN A 284 -1.63 -0.85 10.83
CA GLN A 284 -0.76 -0.58 9.70
C GLN A 284 -0.97 -1.51 8.50
N MET A 285 -1.29 -2.78 8.76
CA MET A 285 -1.48 -3.75 7.66
C MET A 285 -2.51 -3.26 6.66
N ILE A 286 -3.63 -2.72 7.15
CA ILE A 286 -4.76 -2.35 6.27
C ILE A 286 -4.48 -1.12 5.40
N THR A 287 -3.32 -0.49 5.59
CA THR A 287 -2.85 0.61 4.72
C THR A 287 -1.81 0.15 3.69
N ARG A 288 -1.49 -1.15 3.72
CA ARG A 288 -0.35 -1.68 2.98
C ARG A 288 -0.73 -2.72 1.92
N VAL A 289 -2.04 -2.87 1.69
CA VAL A 289 -2.57 -3.99 0.91
C VAL A 289 -3.60 -3.54 -0.14
N PRO A 290 -3.13 -3.00 -1.27
CA PRO A 290 -4.01 -2.51 -2.35
C PRO A 290 -4.61 -3.63 -3.16
N LEU A 291 -5.69 -3.33 -3.89
CA LEU A 291 -6.23 -4.27 -4.88
C LEU A 291 -5.75 -3.87 -6.27
N GLY A 292 -5.74 -4.85 -7.18
CA GLY A 292 -5.29 -4.62 -8.55
C GLY A 292 -6.25 -3.78 -9.39
N SER A 293 -5.88 -3.61 -10.67
CA SER A 293 -6.61 -2.72 -11.57
C SER A 293 -7.00 -3.45 -12.85
N VAL A 294 -8.28 -3.41 -13.21
CA VAL A 294 -8.77 -4.11 -14.40
C VAL A 294 -10.07 -3.51 -14.90
N ILE A 295 -10.24 -3.49 -16.23
CA ILE A 295 -11.52 -3.23 -16.86
C ILE A 295 -11.91 -4.51 -17.60
N LYS A 296 -13.07 -5.07 -17.27
CA LYS A 296 -13.57 -6.26 -17.97
C LYS A 296 -14.49 -5.79 -19.08
N CYS A 297 -14.20 -6.22 -20.30
CA CYS A 297 -14.88 -5.70 -21.49
C CYS A 297 -15.46 -6.84 -22.31
N ILE A 298 -16.73 -6.73 -22.70
CA ILE A 298 -17.37 -7.79 -23.50
C ILE A 298 -17.92 -7.19 -24.80
N VAL A 299 -17.38 -7.65 -25.93
CA VAL A 299 -17.82 -7.21 -27.26
C VAL A 299 -18.70 -8.28 -27.90
N TYR A 300 -19.90 -7.89 -28.34
CA TYR A 300 -20.89 -8.81 -28.90
C TYR A 300 -20.91 -8.74 -30.41
N TYR A 301 -21.15 -9.90 -31.03
CA TYR A 301 -21.17 -10.05 -32.48
C TYR A 301 -22.40 -10.85 -32.91
N LYS A 302 -22.72 -10.81 -34.21
CA LYS A 302 -23.87 -11.55 -34.77
C LYS A 302 -23.68 -13.06 -34.61
N GLU A 303 -22.46 -13.53 -34.84
CA GLU A 303 -22.11 -14.95 -34.80
C GLU A 303 -20.72 -15.13 -34.18
N PRO A 304 -20.44 -16.33 -33.63
CA PRO A 304 -19.08 -16.60 -33.15
C PRO A 304 -18.15 -16.95 -34.33
N PHE A 305 -17.88 -15.94 -35.15
CA PHE A 305 -17.20 -16.09 -36.44
C PHE A 305 -15.78 -16.69 -36.36
N TRP A 306 -15.11 -16.47 -35.22
CA TRP A 306 -13.77 -17.02 -35.00
C TRP A 306 -13.71 -18.54 -35.08
N ARG A 307 -14.81 -19.20 -34.68
CA ARG A 307 -14.88 -20.66 -34.71
C ARG A 307 -14.78 -21.22 -36.13
N LYS A 308 -15.32 -20.49 -37.10
CA LYS A 308 -15.26 -20.90 -38.51
C LYS A 308 -13.82 -20.93 -39.05
N LYS A 309 -12.94 -20.14 -38.44
CA LYS A 309 -11.51 -20.13 -38.78
C LYS A 309 -10.67 -21.07 -37.89
N ASP A 310 -11.37 -21.90 -37.11
CA ASP A 310 -10.74 -22.84 -36.18
C ASP A 310 -9.98 -22.12 -35.06
N TYR A 311 -10.55 -21.02 -34.59
CA TYR A 311 -10.09 -20.32 -33.38
C TYR A 311 -11.18 -20.44 -32.32
N CYS A 312 -10.80 -20.80 -31.09
CA CYS A 312 -11.79 -20.96 -30.04
C CYS A 312 -12.26 -19.62 -29.44
N GLY A 313 -11.43 -18.59 -29.57
CA GLY A 313 -11.75 -17.26 -29.04
C GLY A 313 -10.74 -16.81 -27.99
N THR A 314 -9.87 -17.73 -27.57
CA THR A 314 -8.79 -17.42 -26.62
C THR A 314 -7.65 -16.74 -27.34
N MET A 315 -7.27 -15.55 -26.87
CA MET A 315 -6.14 -14.82 -27.43
C MET A 315 -5.23 -14.38 -26.28
N ILE A 316 -3.94 -14.70 -26.40
CA ILE A 316 -2.90 -14.27 -25.46
C ILE A 316 -2.07 -13.25 -26.24
N ILE A 317 -2.20 -11.99 -25.84
CA ILE A 317 -1.73 -10.89 -26.67
C ILE A 317 -0.67 -10.06 -25.95
N ASP A 318 0.55 -10.17 -26.45
CA ASP A 318 1.68 -9.46 -25.90
C ASP A 318 1.97 -8.22 -26.73
N GLY A 319 2.17 -7.09 -26.07
CA GLY A 319 2.53 -5.85 -26.76
C GLY A 319 1.93 -4.65 -26.07
N GLU A 320 2.73 -3.59 -25.93
CA GLU A 320 2.28 -2.38 -25.24
C GLU A 320 1.09 -1.72 -25.93
N GLU A 321 1.04 -1.80 -27.25
CA GLU A 321 -0.02 -1.19 -28.06
C GLU A 321 -1.36 -1.87 -27.88
N ALA A 322 -1.33 -3.15 -27.50
CA ALA A 322 -2.57 -3.90 -27.33
C ALA A 322 -3.25 -3.50 -26.02
N PRO A 323 -4.49 -2.96 -26.10
CA PRO A 323 -5.21 -2.60 -24.88
C PRO A 323 -5.54 -3.80 -24.00
N VAL A 324 -5.84 -4.93 -24.65
CA VAL A 324 -6.26 -6.18 -23.98
C VAL A 324 -5.18 -7.24 -24.15
N ALA A 325 -4.79 -7.88 -23.04
CA ALA A 325 -3.76 -8.93 -23.07
C ALA A 325 -4.33 -10.36 -23.12
N TYR A 326 -5.61 -10.52 -22.81
CA TYR A 326 -6.21 -11.85 -22.75
C TYR A 326 -7.70 -11.83 -23.02
N THR A 327 -8.14 -12.75 -23.87
CA THR A 327 -9.56 -12.94 -24.17
C THR A 327 -10.01 -14.40 -24.03
N LEU A 328 -11.32 -14.57 -23.81
CA LEU A 328 -12.00 -15.86 -23.87
C LEU A 328 -13.32 -15.71 -24.61
N ASP A 329 -13.76 -16.76 -25.29
CA ASP A 329 -15.09 -16.81 -25.89
C ASP A 329 -16.14 -16.66 -24.78
N ASP A 330 -17.06 -15.70 -24.91
CA ASP A 330 -18.11 -15.49 -23.88
C ASP A 330 -19.53 -15.80 -24.42
N THR A 331 -19.58 -16.49 -25.55
CA THR A 331 -20.83 -16.95 -26.18
C THR A 331 -21.64 -17.81 -25.20
N LYS A 332 -22.96 -17.69 -25.24
CA LYS A 332 -23.83 -18.50 -24.39
C LYS A 332 -23.71 -19.98 -24.76
N PRO A 333 -23.99 -20.90 -23.80
CA PRO A 333 -23.86 -22.32 -24.10
C PRO A 333 -24.79 -22.78 -25.24
N GLU A 334 -25.90 -22.05 -25.44
CA GLU A 334 -26.84 -22.30 -26.53
C GLU A 334 -26.26 -21.95 -27.91
N GLY A 335 -25.21 -21.14 -27.92
CA GLY A 335 -24.51 -20.77 -29.16
C GLY A 335 -24.86 -19.38 -29.66
N ASN A 336 -25.76 -18.70 -28.95
CA ASN A 336 -26.16 -17.33 -29.29
C ASN A 336 -25.54 -16.29 -28.36
N TYR A 337 -25.88 -15.02 -28.61
CA TYR A 337 -25.23 -13.88 -27.96
C TYR A 337 -23.71 -13.99 -28.06
N ALA A 338 -23.23 -14.29 -29.27
CA ALA A 338 -21.80 -14.41 -29.53
C ALA A 338 -21.04 -13.24 -28.95
N ALA A 339 -19.90 -13.53 -28.30
CA ALA A 339 -19.17 -12.48 -27.60
C ALA A 339 -17.73 -12.90 -27.29
N ILE A 340 -16.86 -11.89 -27.23
CA ILE A 340 -15.49 -12.04 -26.76
C ILE A 340 -15.33 -11.22 -25.46
N MET A 341 -14.88 -11.89 -24.40
CA MET A 341 -14.50 -11.22 -23.16
C MET A 341 -13.01 -10.90 -23.19
N GLY A 342 -12.65 -9.67 -22.81
CA GLY A 342 -11.24 -9.28 -22.71
C GLY A 342 -10.96 -8.47 -21.45
N PHE A 343 -9.74 -8.60 -20.93
CA PHE A 343 -9.29 -7.83 -19.77
C PHE A 343 -8.31 -6.73 -20.17
N ILE A 344 -8.53 -5.52 -19.68
CA ILE A 344 -7.54 -4.44 -19.78
C ILE A 344 -6.85 -4.39 -18.41
N LEU A 345 -5.53 -4.64 -18.38
CA LEU A 345 -4.83 -4.96 -17.13
C LEU A 345 -3.88 -3.89 -16.60
N ALA A 346 -3.88 -3.74 -15.27
CA ALA A 346 -2.84 -2.98 -14.55
C ALA A 346 -2.63 -1.57 -15.10
N HIS A 347 -1.43 -1.19 -15.55
CA HIS A 347 -1.24 0.20 -16.02
C HIS A 347 -2.16 0.59 -17.19
N LYS A 348 -2.56 -0.39 -18.01
CA LYS A 348 -3.44 -0.09 -19.14
C LYS A 348 -4.85 0.28 -18.70
N ALA A 349 -5.31 -0.31 -17.59
CA ALA A 349 -6.60 0.06 -17.01
C ALA A 349 -6.59 1.53 -16.60
N ARG A 350 -5.48 1.97 -16.01
CA ARG A 350 -5.29 3.39 -15.64
C ARG A 350 -5.21 4.28 -16.86
N LYS A 351 -4.40 3.88 -17.84
CA LYS A 351 -4.17 4.65 -19.07
C LYS A 351 -5.45 4.82 -19.90
N LEU A 352 -6.16 3.72 -20.16
CA LEU A 352 -7.30 3.73 -21.07
C LEU A 352 -8.64 4.14 -20.45
N ALA A 353 -8.65 4.30 -19.13
CA ALA A 353 -9.84 4.78 -18.43
C ALA A 353 -10.24 6.19 -18.87
N ARG A 354 -9.25 6.95 -19.36
CA ARG A 354 -9.40 8.32 -19.85
C ARG A 354 -10.35 8.43 -21.05
N LEU A 355 -10.42 7.35 -21.83
CA LEU A 355 -11.19 7.32 -23.07
C LEU A 355 -12.69 7.16 -22.80
N THR A 356 -13.49 7.38 -23.84
CA THR A 356 -14.92 7.08 -23.74
C THR A 356 -15.14 5.58 -23.95
N LYS A 357 -16.33 5.12 -23.57
CA LYS A 357 -16.75 3.73 -23.83
C LYS A 357 -16.67 3.41 -25.32
N GLU A 358 -17.16 4.32 -26.16
CA GLU A 358 -17.10 4.17 -27.61
C GLU A 358 -15.65 4.09 -28.14
N GLU A 359 -14.76 4.90 -27.56
CA GLU A 359 -13.35 4.85 -27.94
C GLU A 359 -12.69 3.53 -27.56
N ARG A 360 -13.00 3.02 -26.38
CA ARG A 360 -12.49 1.70 -25.96
C ARG A 360 -13.02 0.58 -26.85
N LEU A 361 -14.31 0.62 -27.19
CA LEU A 361 -14.87 -0.40 -28.09
C LEU A 361 -14.13 -0.44 -29.44
N LYS A 362 -13.84 0.74 -29.97
CA LYS A 362 -13.15 0.85 -31.26
C LYS A 362 -11.77 0.23 -31.19
N LYS A 363 -11.01 0.56 -30.14
CA LYS A 363 -9.66 0.00 -29.97
C LYS A 363 -9.69 -1.51 -29.81
N LEU A 364 -10.67 -2.03 -29.09
CA LEU A 364 -10.76 -3.48 -28.90
C LEU A 364 -11.06 -4.17 -30.22
N CYS A 365 -12.02 -3.64 -30.98
CA CYS A 365 -12.39 -4.23 -32.26
C CYS A 365 -11.23 -4.24 -33.25
N GLU A 366 -10.46 -3.16 -33.28
CA GLU A 366 -9.32 -3.05 -34.18
C GLU A 366 -8.21 -4.05 -33.81
N LEU A 367 -8.02 -4.24 -32.50
CA LEU A 367 -7.10 -5.25 -32.00
C LEU A 367 -7.54 -6.66 -32.39
N TYR A 368 -8.80 -6.98 -32.10
CA TYR A 368 -9.33 -8.31 -32.39
C TYR A 368 -9.33 -8.63 -33.89
N ALA A 369 -9.59 -7.62 -34.72
CA ALA A 369 -9.54 -7.80 -36.17
C ALA A 369 -8.15 -8.23 -36.62
N LYS A 370 -7.13 -7.57 -36.08
CA LYS A 370 -5.73 -7.91 -36.39
C LYS A 370 -5.34 -9.31 -35.88
N VAL A 371 -5.66 -9.59 -34.62
CA VAL A 371 -5.25 -10.83 -34.00
C VAL A 371 -5.92 -12.03 -34.68
N LEU A 372 -7.20 -11.88 -34.99
CA LEU A 372 -7.98 -12.95 -35.61
C LEU A 372 -7.88 -12.96 -37.14
N GLY A 373 -7.19 -11.98 -37.69
CA GLY A 373 -7.12 -11.78 -39.14
C GLY A 373 -8.51 -11.73 -39.78
N SER A 374 -9.43 -11.04 -39.11
CA SER A 374 -10.86 -11.05 -39.49
C SER A 374 -11.52 -9.67 -39.49
N LEU A 375 -11.92 -9.21 -40.67
CA LEU A 375 -12.67 -7.95 -40.77
C LEU A 375 -14.03 -7.97 -40.04
N GLU A 376 -14.59 -9.16 -39.84
CA GLU A 376 -15.84 -9.30 -39.08
C GLU A 376 -15.75 -8.75 -37.66
N ALA A 377 -14.54 -8.73 -37.09
CA ALA A 377 -14.35 -8.19 -35.73
C ALA A 377 -14.63 -6.69 -35.64
N LEU A 378 -14.69 -6.02 -36.79
CA LEU A 378 -14.98 -4.58 -36.84
C LEU A 378 -16.49 -4.29 -36.86
N GLU A 379 -17.29 -5.33 -36.73
CA GLU A 379 -18.75 -5.20 -36.78
C GLU A 379 -19.48 -5.62 -35.49
N PRO A 380 -19.15 -4.98 -34.35
CA PRO A 380 -19.84 -5.34 -33.11
C PRO A 380 -21.31 -4.96 -33.13
N VAL A 381 -22.14 -5.75 -32.45
CA VAL A 381 -23.57 -5.46 -32.33
C VAL A 381 -23.95 -4.86 -30.97
N HIS A 382 -23.04 -4.99 -29.99
CA HIS A 382 -23.28 -4.50 -28.63
C HIS A 382 -21.97 -4.55 -27.82
N TYR A 383 -21.93 -3.78 -26.72
CA TYR A 383 -20.74 -3.71 -25.86
C TYR A 383 -21.15 -3.48 -24.41
N GLU A 384 -20.50 -4.20 -23.49
CA GLU A 384 -20.61 -3.93 -22.06
C GLU A 384 -19.23 -3.92 -21.42
N GLU A 385 -19.05 -3.14 -20.35
CA GLU A 385 -17.78 -3.07 -19.66
C GLU A 385 -17.96 -2.64 -18.21
N LYS A 386 -16.95 -2.91 -17.39
CA LYS A 386 -16.92 -2.43 -16.01
C LYS A 386 -15.49 -2.19 -15.58
N ASN A 387 -15.20 -0.95 -15.19
CA ASN A 387 -13.90 -0.58 -14.64
C ASN A 387 -13.98 -0.73 -13.12
N TRP A 388 -13.35 -1.76 -12.58
CA TRP A 388 -13.44 -2.03 -11.14
C TRP A 388 -12.64 -1.08 -10.26
N CYS A 389 -11.73 -0.33 -10.87
CA CYS A 389 -10.92 0.67 -10.15
C CYS A 389 -11.75 1.82 -9.58
N GLU A 390 -12.95 2.01 -10.12
CA GLU A 390 -13.79 3.14 -9.70
C GLU A 390 -14.69 2.84 -8.50
N GLU A 391 -14.68 1.59 -8.04
CA GLU A 391 -15.61 1.13 -7.00
C GLU A 391 -15.15 1.42 -5.57
N GLN A 392 -15.86 2.33 -4.90
CA GLN A 392 -15.58 2.70 -3.50
C GLN A 392 -15.60 1.49 -2.56
N TYR A 393 -16.52 0.56 -2.80
CA TYR A 393 -16.72 -0.58 -1.91
C TYR A 393 -16.10 -1.91 -2.40
N SER A 394 -15.21 -1.81 -3.39
CA SER A 394 -14.33 -2.92 -3.79
C SER A 394 -12.84 -2.53 -3.68
N GLY A 395 -12.49 -1.37 -4.23
CA GLY A 395 -11.10 -0.87 -4.26
C GLY A 395 -10.32 -1.30 -5.49
N GLY A 396 -10.90 -2.22 -6.28
CA GLY A 396 -10.23 -2.81 -7.44
C GLY A 396 -10.68 -4.26 -7.65
N CYS A 397 -9.98 -4.94 -8.56
CA CYS A 397 -10.19 -6.37 -8.85
C CYS A 397 -8.92 -6.95 -9.48
N TYR A 398 -8.72 -8.27 -9.47
CA TYR A 398 -9.64 -9.24 -8.83
C TYR A 398 -9.53 -9.25 -7.31
N THR A 399 -8.34 -8.96 -6.82
CA THR A 399 -8.04 -9.19 -5.41
C THR A 399 -6.90 -8.31 -4.88
N THR A 400 -6.58 -8.51 -3.61
CA THR A 400 -5.53 -7.78 -2.93
C THR A 400 -4.14 -8.33 -3.28
N TYR A 401 -3.23 -7.44 -3.65
CA TYR A 401 -1.81 -7.82 -3.81
C TYR A 401 -0.95 -7.26 -2.69
N PHE A 402 0.20 -7.90 -2.48
CA PHE A 402 1.16 -7.49 -1.43
C PHE A 402 2.45 -6.98 -2.07
N PRO A 403 2.78 -5.69 -1.85
CA PRO A 403 4.07 -5.14 -2.32
C PRO A 403 5.25 -5.74 -1.55
N PRO A 404 6.48 -5.56 -2.06
CA PRO A 404 7.65 -6.15 -1.38
C PRO A 404 7.72 -5.80 0.10
N GLY A 405 7.96 -6.82 0.93
CA GLY A 405 8.25 -6.63 2.36
C GLY A 405 7.05 -6.74 3.29
N ILE A 406 5.85 -6.76 2.74
CA ILE A 406 4.63 -6.67 3.55
C ILE A 406 4.17 -8.02 4.10
N LEU A 407 4.18 -9.04 3.26
CA LEU A 407 3.68 -10.36 3.66
C LEU A 407 4.44 -10.95 4.85
N THR A 408 5.76 -10.78 4.90
CA THR A 408 6.54 -11.35 6.01
C THR A 408 6.34 -10.54 7.28
N GLN A 409 6.12 -9.24 7.14
CA GLN A 409 6.00 -8.36 8.30
C GLN A 409 4.59 -8.33 8.90
N TYR A 410 3.58 -8.41 8.05
CA TYR A 410 2.18 -8.22 8.46
C TYR A 410 1.25 -9.40 8.15
N GLY A 411 1.73 -10.36 7.37
CA GLY A 411 0.92 -11.50 6.92
C GLY A 411 0.23 -12.28 8.02
N ARG A 412 0.93 -12.46 9.14
CA ARG A 412 0.41 -13.22 10.29
C ARG A 412 -0.95 -12.70 10.80
N VAL A 413 -1.20 -11.39 10.66
CA VAL A 413 -2.42 -10.82 11.28
C VAL A 413 -3.63 -10.76 10.36
N LEU A 414 -3.49 -11.19 9.10
CA LEU A 414 -4.59 -11.15 8.14
C LEU A 414 -5.90 -11.73 8.65
N ARG A 415 -5.86 -12.94 9.23
CA ARG A 415 -7.10 -13.53 9.74
C ARG A 415 -7.08 -13.77 11.27
N GLN A 416 -6.19 -13.06 11.95
CA GLN A 416 -6.14 -13.10 13.42
C GLN A 416 -7.35 -12.34 13.99
N PRO A 417 -8.15 -13.00 14.84
CA PRO A 417 -9.28 -12.28 15.44
C PRO A 417 -8.85 -11.08 16.26
N VAL A 418 -9.68 -10.04 16.25
CA VAL A 418 -9.49 -8.88 17.10
C VAL A 418 -10.65 -8.84 18.08
N ASP A 419 -10.41 -9.39 19.27
CA ASP A 419 -11.43 -9.56 20.32
C ASP A 419 -12.58 -10.43 19.78
N ARG A 420 -13.71 -9.80 19.46
CA ARG A 420 -14.87 -10.53 18.96
C ARG A 420 -15.12 -10.34 17.46
N ILE A 421 -14.14 -9.72 16.78
CA ILE A 421 -14.19 -9.58 15.31
C ILE A 421 -13.37 -10.70 14.67
N TYR A 422 -14.00 -11.44 13.77
CA TYR A 422 -13.37 -12.52 13.01
C TYR A 422 -13.34 -12.13 11.55
N PHE A 423 -12.37 -12.64 10.80
CA PHE A 423 -12.12 -12.14 9.45
C PHE A 423 -12.37 -13.16 8.34
N ALA A 424 -13.33 -12.83 7.46
CA ALA A 424 -13.59 -13.65 6.28
C ALA A 424 -13.03 -12.93 5.06
N GLY A 425 -13.62 -13.17 3.89
CA GLY A 425 -13.18 -12.54 2.66
C GLY A 425 -12.15 -13.38 1.95
N THR A 426 -12.21 -13.41 0.62
CA THR A 426 -11.33 -14.30 -0.14
C THR A 426 -9.83 -14.14 0.17
N GLU A 427 -9.44 -12.94 0.57
CA GLU A 427 -8.03 -12.66 0.88
C GLU A 427 -7.48 -13.49 2.03
N THR A 428 -8.38 -14.04 2.87
CA THR A 428 -7.96 -14.82 4.04
C THR A 428 -8.01 -16.33 3.81
N ALA A 429 -8.32 -16.75 2.59
CA ALA A 429 -8.36 -18.18 2.24
C ALA A 429 -6.96 -18.77 2.08
N THR A 430 -6.87 -20.10 2.16
CA THR A 430 -5.61 -20.82 1.99
C THR A 430 -5.60 -21.68 0.71
N HIS A 431 -6.74 -21.73 0.03
CA HIS A 431 -6.88 -22.45 -1.24
C HIS A 431 -7.78 -21.63 -2.15
N TRP A 432 -7.22 -21.21 -3.30
CA TRP A 432 -7.86 -20.29 -4.23
C TRP A 432 -8.27 -18.95 -3.59
N SER A 433 -7.42 -18.43 -2.69
CA SER A 433 -7.52 -17.03 -2.28
C SER A 433 -7.48 -16.15 -3.53
N GLY A 434 -8.35 -15.14 -3.57
CA GLY A 434 -8.50 -14.26 -4.74
C GLY A 434 -9.72 -14.58 -5.59
N TYR A 435 -10.31 -15.76 -5.36
CA TYR A 435 -11.36 -16.33 -6.19
C TYR A 435 -12.66 -16.50 -5.41
N MET A 436 -13.75 -16.78 -6.13
CA MET A 436 -15.02 -17.13 -5.49
C MET A 436 -14.85 -18.34 -4.56
N GLU A 437 -14.03 -19.31 -4.97
CA GLU A 437 -13.75 -20.47 -4.13
C GLU A 437 -13.19 -20.06 -2.76
N GLY A 438 -12.17 -19.19 -2.79
CA GLY A 438 -11.57 -18.67 -1.56
C GLY A 438 -12.55 -17.90 -0.69
N ALA A 439 -13.47 -17.17 -1.32
CA ALA A 439 -14.52 -16.48 -0.57
C ALA A 439 -15.34 -17.47 0.25
N VAL A 440 -15.72 -18.59 -0.37
CA VAL A 440 -16.51 -19.59 0.36
C VAL A 440 -15.71 -20.21 1.51
N GLU A 441 -14.45 -20.55 1.26
CA GLU A 441 -13.59 -21.16 2.28
C GLU A 441 -13.50 -20.26 3.50
N ALA A 442 -13.22 -18.98 3.27
CA ALA A 442 -13.00 -18.02 4.34
C ALA A 442 -14.25 -17.66 5.13
N GLY A 443 -15.39 -17.56 4.45
CA GLY A 443 -16.66 -17.25 5.10
C GLY A 443 -17.10 -18.37 6.04
N GLU A 444 -17.01 -19.60 5.56
CA GLU A 444 -17.38 -20.76 6.36
C GLU A 444 -16.39 -21.00 7.50
N ARG A 445 -15.10 -20.79 7.24
CA ARG A 445 -14.09 -20.90 8.31
C ARG A 445 -14.31 -19.87 9.42
N ALA A 446 -14.57 -18.62 9.05
CA ALA A 446 -14.82 -17.56 10.03
C ALA A 446 -16.08 -17.87 10.85
N ALA A 447 -17.12 -18.34 10.17
CA ALA A 447 -18.36 -18.76 10.85
C ALA A 447 -18.09 -19.86 11.88
N ARG A 448 -17.28 -20.85 11.52
CA ARG A 448 -16.96 -21.96 12.42
C ARG A 448 -16.05 -21.52 13.58
N GLU A 449 -15.20 -20.51 13.34
CA GLU A 449 -14.42 -19.93 14.44
C GLU A 449 -15.33 -19.39 15.54
N ILE A 450 -16.44 -18.76 15.10
CA ILE A 450 -17.44 -18.22 16.02
C ILE A 450 -18.22 -19.35 16.71
N LEU A 451 -18.63 -20.37 15.96
CA LEU A 451 -19.27 -21.54 16.56
C LEU A 451 -18.37 -22.18 17.64
N HIS A 452 -17.08 -22.26 17.38
CA HIS A 452 -16.14 -22.79 18.37
C HIS A 452 -16.04 -21.90 19.60
N ALA A 453 -15.97 -20.59 19.39
CA ALA A 453 -15.95 -19.60 20.48
C ALA A 453 -17.18 -19.73 21.40
N MET A 454 -18.32 -20.05 20.79
CA MET A 454 -19.59 -20.22 21.51
C MET A 454 -19.71 -21.58 22.20
N GLY A 455 -18.73 -22.44 21.95
CA GLY A 455 -18.71 -23.80 22.51
C GLY A 455 -19.67 -24.76 21.83
N LYS A 456 -19.98 -24.49 20.56
CA LYS A 456 -20.94 -25.29 19.80
C LYS A 456 -20.28 -26.42 19.00
N ILE A 457 -19.02 -26.22 18.61
CA ILE A 457 -18.26 -27.24 17.89
C ILE A 457 -16.84 -27.34 18.48
N PRO A 458 -16.19 -28.52 18.33
CA PRO A 458 -14.82 -28.64 18.81
C PRO A 458 -13.82 -27.93 17.90
N GLU A 459 -12.61 -27.71 18.40
CA GLU A 459 -11.56 -27.00 17.68
C GLU A 459 -11.24 -27.61 16.31
N ASP A 460 -11.21 -28.95 16.25
CA ASP A 460 -10.86 -29.68 15.02
C ASP A 460 -11.88 -29.55 13.88
N GLU A 461 -12.99 -28.87 14.14
CA GLU A 461 -14.02 -28.66 13.13
C GLU A 461 -14.02 -27.23 12.56
N ILE A 462 -13.09 -26.40 13.02
CA ILE A 462 -12.96 -25.03 12.49
C ILE A 462 -12.59 -25.08 11.01
N TRP A 463 -11.51 -25.80 10.69
CA TRP A 463 -11.08 -26.02 9.31
C TRP A 463 -11.61 -27.36 8.83
N GLN A 464 -12.34 -27.35 7.72
CA GLN A 464 -12.96 -28.58 7.19
C GLN A 464 -12.65 -28.86 5.73
N SER A 465 -12.24 -30.10 5.45
CA SER A 465 -11.99 -30.56 4.09
C SER A 465 -13.31 -30.55 3.30
N GLU A 466 -13.19 -30.56 1.97
CA GLU A 466 -14.34 -30.53 1.08
C GLU A 466 -14.30 -31.71 0.10
N PRO A 467 -15.37 -32.52 0.05
CA PRO A 467 -15.41 -33.61 -0.92
C PRO A 467 -15.31 -33.09 -2.35
N GLU A 468 -14.66 -33.87 -3.22
CA GLU A 468 -14.50 -33.48 -4.62
C GLU A 468 -15.84 -33.50 -5.35
N SER A 469 -16.10 -32.47 -6.14
CA SER A 469 -17.27 -32.41 -7.02
C SER A 469 -17.38 -33.64 -7.91
N VAL A 470 -18.57 -34.21 -8.00
CA VAL A 470 -18.84 -35.32 -8.91
C VAL A 470 -19.07 -34.82 -10.33
N ASP A 471 -19.41 -33.54 -10.46
CA ASP A 471 -19.75 -32.93 -11.76
C ASP A 471 -18.54 -32.34 -12.47
N VAL A 472 -17.55 -31.92 -11.68
CA VAL A 472 -16.34 -31.28 -12.23
C VAL A 472 -15.09 -32.03 -11.75
N PRO A 473 -14.77 -33.16 -12.43
CA PRO A 473 -13.60 -33.95 -12.05
C PRO A 473 -12.29 -33.20 -12.26
N ALA A 474 -11.34 -33.44 -11.37
CA ALA A 474 -10.05 -32.79 -11.46
C ALA A 474 -8.99 -33.77 -11.95
N GLN A 475 -8.52 -33.55 -13.17
CA GLN A 475 -7.37 -34.29 -13.67
C GLN A 475 -6.12 -33.81 -12.95
N PRO A 476 -5.22 -34.74 -12.58
CA PRO A 476 -4.00 -34.37 -11.87
C PRO A 476 -3.09 -33.53 -12.76
N ILE A 477 -2.26 -32.70 -12.14
CA ILE A 477 -1.24 -31.96 -12.87
C ILE A 477 -0.03 -32.88 -13.05
N THR A 478 0.35 -33.11 -14.30
CA THR A 478 1.43 -34.02 -14.64
C THR A 478 2.55 -33.31 -15.39
N THR A 479 3.74 -33.87 -15.33
CA THR A 479 4.89 -33.40 -16.12
C THR A 479 5.51 -34.56 -16.88
N THR A 480 6.31 -34.26 -17.90
CA THR A 480 7.05 -35.28 -18.63
C THR A 480 8.46 -35.40 -18.08
N PHE A 481 9.13 -36.51 -18.40
CA PHE A 481 10.54 -36.72 -18.03
C PHE A 481 11.43 -35.56 -18.46
N LEU A 482 11.30 -35.15 -19.73
CA LEU A 482 12.08 -34.06 -20.29
C LEU A 482 11.79 -32.72 -19.59
N GLU A 483 10.52 -32.48 -19.27
CA GLU A 483 10.14 -31.26 -18.54
C GLU A 483 10.78 -31.21 -17.16
N ARG A 484 10.85 -32.38 -16.50
CA ARG A 484 11.48 -32.50 -15.19
C ARG A 484 13.00 -32.30 -15.19
N HIS A 485 13.68 -32.85 -16.21
CA HIS A 485 15.13 -32.99 -16.16
C HIS A 485 15.98 -32.18 -17.15
N LEU A 486 15.34 -31.55 -18.14
CA LEU A 486 16.08 -30.69 -19.07
C LEU A 486 16.74 -29.52 -18.33
N PRO A 487 17.96 -29.15 -18.73
CA PRO A 487 18.64 -28.10 -17.98
C PRO A 487 18.05 -26.72 -18.25
N SER A 488 18.29 -25.80 -17.32
CA SER A 488 18.05 -24.39 -17.55
C SER A 488 19.13 -23.89 -18.50
N VAL A 489 19.01 -22.65 -18.94
CA VAL A 489 20.05 -22.03 -19.76
C VAL A 489 21.40 -21.97 -19.01
N PRO A 490 21.42 -21.44 -17.77
CA PRO A 490 22.71 -21.46 -17.06
C PRO A 490 23.19 -22.88 -16.73
N GLY A 491 22.26 -23.81 -16.53
CA GLY A 491 22.57 -25.22 -16.34
C GLY A 491 23.29 -25.80 -17.56
N LEU A 492 22.79 -25.46 -18.75
CA LEU A 492 23.42 -25.87 -20.00
C LEU A 492 24.81 -25.24 -20.17
N LEU A 493 24.93 -23.96 -19.83
CA LEU A 493 26.22 -23.26 -19.91
C LEU A 493 27.27 -23.88 -18.99
N ARG A 494 26.83 -24.33 -17.80
CA ARG A 494 27.71 -25.03 -16.88
C ARG A 494 28.18 -26.37 -17.47
N LEU A 495 27.26 -27.10 -18.10
CA LEU A 495 27.57 -28.35 -18.81
C LEU A 495 28.58 -28.15 -19.96
N ILE A 496 28.45 -27.03 -20.66
CA ILE A 496 29.38 -26.65 -21.73
C ILE A 496 30.76 -26.33 -21.17
N GLY A 497 30.78 -25.55 -20.09
CA GLY A 497 32.03 -25.16 -19.42
C GLY A 497 32.81 -26.35 -18.85
N LEU A 498 32.08 -27.35 -18.35
CA LEU A 498 32.68 -28.56 -17.79
C LEU A 498 33.28 -29.48 -18.86
N THR A 499 32.61 -29.57 -20.01
CA THR A 499 33.09 -30.37 -21.14
C THR A 499 34.34 -29.74 -21.76
N THR A 500 34.38 -28.41 -21.79
CA THR A 500 35.52 -27.66 -22.32
C THR A 500 36.64 -27.52 -21.26
N ILE A 501 36.85 -28.58 -20.48
CA ILE A 501 37.90 -28.65 -19.46
C ILE A 501 38.58 -30.01 -19.48
N ASN B 3 -23.51 24.75 12.44
CA ASN B 3 -23.77 24.03 11.16
C ASN B 3 -23.04 24.69 9.99
N LYS B 4 -23.26 25.99 9.78
CA LYS B 4 -22.84 26.67 8.55
C LYS B 4 -21.56 27.50 8.70
N CYS B 5 -20.68 27.37 7.71
CA CYS B 5 -19.45 28.15 7.64
C CYS B 5 -18.96 28.26 6.20
N ASP B 6 -17.86 28.99 5.99
CA ASP B 6 -17.27 29.14 4.65
C ASP B 6 -16.43 27.92 4.26
N VAL B 7 -15.54 27.49 5.16
CA VAL B 7 -14.65 26.37 4.87
C VAL B 7 -14.52 25.45 6.09
N VAL B 8 -14.71 24.16 5.86
CA VAL B 8 -14.40 23.13 6.84
C VAL B 8 -13.00 22.59 6.57
N VAL B 9 -12.16 22.59 7.60
CA VAL B 9 -10.83 21.96 7.53
C VAL B 9 -10.89 20.63 8.28
N VAL B 10 -10.62 19.53 7.57
CA VAL B 10 -10.57 18.20 8.18
C VAL B 10 -9.14 17.91 8.66
N GLY B 11 -8.96 17.84 9.99
CA GLY B 11 -7.65 17.63 10.58
C GLY B 11 -7.03 18.87 11.20
N GLY B 12 -6.66 18.75 12.47
CA GLY B 12 -6.05 19.86 13.22
C GLY B 12 -4.59 19.61 13.57
N GLY B 13 -3.84 19.04 12.62
CA GLY B 13 -2.38 19.03 12.70
C GLY B 13 -1.84 20.38 12.24
N ILE B 14 -0.53 20.49 12.09
CA ILE B 14 0.06 21.78 11.66
C ILE B 14 -0.49 22.25 10.31
N SER B 15 -0.70 21.33 9.37
CA SER B 15 -1.19 21.71 8.05
C SER B 15 -2.61 22.29 8.11
N GLY B 16 -3.52 21.60 8.79
CA GLY B 16 -4.91 22.04 8.96
C GLY B 16 -5.00 23.35 9.72
N MET B 17 -4.21 23.47 10.77
CA MET B 17 -4.17 24.71 11.56
C MET B 17 -3.62 25.88 10.76
N ALA B 18 -2.55 25.65 10.00
CA ALA B 18 -1.97 26.69 9.16
C ALA B 18 -2.97 27.20 8.12
N ALA B 19 -3.69 26.27 7.50
CA ALA B 19 -4.72 26.60 6.51
C ALA B 19 -5.86 27.39 7.16
N ALA B 20 -6.33 26.90 8.31
CA ALA B 20 -7.45 27.53 9.00
C ALA B 20 -7.08 28.94 9.45
N LYS B 21 -5.86 29.12 9.95
CA LYS B 21 -5.38 30.45 10.35
C LYS B 21 -5.38 31.43 9.19
N LEU B 22 -4.83 31.00 8.05
CA LEU B 22 -4.75 31.87 6.86
C LEU B 22 -6.16 32.32 6.42
N LEU B 23 -7.10 31.38 6.37
CA LEU B 23 -8.47 31.67 5.95
C LEU B 23 -9.19 32.57 6.95
N HIS B 24 -9.00 32.29 8.24
CA HIS B 24 -9.51 33.12 9.34
C HIS B 24 -9.00 34.56 9.26
N ASP B 25 -7.69 34.72 9.07
CA ASP B 25 -7.04 36.03 8.97
C ASP B 25 -7.57 36.82 7.76
N SER B 26 -8.00 36.10 6.73
CA SER B 26 -8.56 36.71 5.51
C SER B 26 -10.02 37.10 5.69
N GLY B 27 -10.62 36.74 6.82
CA GLY B 27 -11.99 37.11 7.15
C GLY B 27 -13.07 36.09 6.82
N LEU B 28 -12.67 34.85 6.54
CA LEU B 28 -13.63 33.77 6.33
C LEU B 28 -13.96 33.06 7.63
N ASN B 29 -15.16 32.49 7.71
CA ASN B 29 -15.57 31.68 8.85
C ASN B 29 -15.13 30.22 8.66
N VAL B 30 -14.20 29.80 9.51
CA VAL B 30 -13.63 28.45 9.40
C VAL B 30 -14.01 27.57 10.57
N VAL B 31 -14.07 26.28 10.33
CA VAL B 31 -14.27 25.27 11.36
C VAL B 31 -13.24 24.18 11.12
N VAL B 32 -12.53 23.79 12.18
CA VAL B 32 -11.59 22.67 12.11
C VAL B 32 -12.21 21.47 12.81
N LEU B 33 -12.31 20.36 12.08
CA LEU B 33 -12.84 19.13 12.66
C LEU B 33 -11.69 18.17 12.90
N GLU B 34 -11.41 17.91 14.18
CA GLU B 34 -10.29 17.07 14.61
C GLU B 34 -10.78 15.78 15.28
N ALA B 35 -10.29 14.63 14.79
CA ALA B 35 -10.72 13.32 15.30
C ALA B 35 -10.32 13.04 16.75
N ARG B 36 -9.12 13.47 17.14
CA ARG B 36 -8.60 13.21 18.48
C ARG B 36 -9.11 14.20 19.51
N ASP B 37 -8.83 13.89 20.78
CA ASP B 37 -9.11 14.80 21.89
C ASP B 37 -8.00 15.85 22.07
N ARG B 38 -7.14 15.99 21.06
CA ARG B 38 -6.06 16.97 21.09
C ARG B 38 -5.75 17.42 19.68
N VAL B 39 -5.08 18.57 19.56
CA VAL B 39 -4.54 18.99 18.28
C VAL B 39 -3.08 18.58 18.16
N GLY B 40 -2.50 18.80 16.97
CA GLY B 40 -1.06 18.54 16.74
C GLY B 40 -0.72 17.36 15.86
N GLY B 41 -1.58 16.34 15.87
CA GLY B 41 -1.41 15.18 14.98
C GLY B 41 -0.12 14.41 15.21
N ARG B 42 0.75 14.43 14.19
CA ARG B 42 2.05 13.77 14.28
C ARG B 42 3.07 14.56 15.09
N THR B 43 2.64 15.74 15.58
CA THR B 43 3.38 16.39 16.68
C THR B 43 2.62 16.21 17.98
N TYR B 44 3.36 16.00 19.06
CA TYR B 44 2.78 15.78 20.38
C TYR B 44 3.81 16.10 21.44
N THR B 45 3.53 17.12 22.24
CA THR B 45 4.44 17.51 23.33
C THR B 45 3.82 17.09 24.66
N LEU B 46 4.48 16.18 25.37
CA LEU B 46 4.04 15.74 26.69
C LEU B 46 4.69 16.60 27.76
N ARG B 47 3.91 17.01 28.77
CA ARG B 47 4.45 17.75 29.91
C ARG B 47 4.29 16.97 31.22
N ASN B 48 5.35 16.89 31.99
CA ASN B 48 5.30 16.42 33.38
C ASN B 48 6.52 16.92 34.17
N GLN B 49 6.53 16.72 35.48
CA GLN B 49 7.59 17.26 36.32
C GLN B 49 8.96 16.63 36.00
N LYS B 50 8.94 15.35 35.61
CA LYS B 50 10.20 14.63 35.35
C LYS B 50 10.96 15.12 34.12
N VAL B 51 10.22 15.53 33.09
CA VAL B 51 10.80 15.90 31.79
C VAL B 51 10.66 17.40 31.48
N LYS B 52 9.81 18.08 32.26
CA LYS B 52 9.29 19.43 31.97
C LYS B 52 8.40 19.39 30.71
N TYR B 53 9.03 19.25 29.54
CA TYR B 53 8.30 18.98 28.29
C TYR B 53 9.15 18.06 27.43
N VAL B 54 8.51 17.28 26.56
CA VAL B 54 9.25 16.45 25.58
C VAL B 54 8.44 16.25 24.29
N ASP B 55 9.09 16.43 23.15
CA ASP B 55 8.46 16.10 21.86
C ASP B 55 8.51 14.59 21.63
N LEU B 56 7.33 13.95 21.60
CA LEU B 56 7.24 12.52 21.30
C LEU B 56 6.94 12.28 19.81
N GLY B 57 6.54 13.35 19.13
CA GLY B 57 6.36 13.35 17.67
C GLY B 57 7.42 14.24 17.01
N GLY B 58 7.05 14.88 15.91
CA GLY B 58 7.95 15.81 15.22
C GLY B 58 8.56 16.88 16.11
N SER B 59 9.85 17.16 15.93
CA SER B 59 10.57 18.07 16.86
C SER B 59 11.50 19.06 16.18
N TYR B 60 12.28 18.59 15.21
CA TYR B 60 13.41 19.35 14.68
C TYR B 60 13.00 20.30 13.57
N VAL B 61 13.60 21.49 13.59
CA VAL B 61 13.53 22.45 12.50
C VAL B 61 14.93 22.94 12.21
N GLY B 62 15.15 23.51 11.03
CA GLY B 62 16.48 23.96 10.67
C GLY B 62 16.48 24.94 9.51
N PRO B 63 17.67 25.38 9.10
CA PRO B 63 17.82 26.33 7.98
C PRO B 63 17.14 25.84 6.71
N THR B 64 16.58 26.80 5.97
CA THR B 64 15.76 26.61 4.75
C THR B 64 14.30 26.23 5.00
N GLN B 65 13.93 25.99 6.26
CA GLN B 65 12.53 25.71 6.61
C GLN B 65 11.90 27.01 7.08
N ASN B 66 11.77 27.96 6.16
CA ASN B 66 11.40 29.33 6.54
C ASN B 66 9.93 29.54 6.92
N ARG B 67 9.05 28.71 6.39
CA ARG B 67 7.61 28.83 6.70
C ARG B 67 7.27 28.43 8.14
N ILE B 68 7.74 27.26 8.58
CA ILE B 68 7.49 26.84 9.97
C ILE B 68 8.14 27.81 10.97
N LEU B 69 9.34 28.28 10.64
CA LEU B 69 10.04 29.25 11.50
C LEU B 69 9.28 30.58 11.62
N ARG B 70 8.73 31.06 10.50
CA ARG B 70 7.95 32.29 10.48
C ARG B 70 6.63 32.14 11.27
N LEU B 71 5.90 31.05 11.03
CA LEU B 71 4.67 30.77 11.74
C LEU B 71 4.89 30.64 13.25
N ALA B 72 5.92 29.90 13.66
CA ALA B 72 6.19 29.72 15.08
C ALA B 72 6.57 31.04 15.75
N LYS B 73 7.36 31.85 15.05
CA LYS B 73 7.79 33.14 15.59
C LYS B 73 6.58 34.04 15.83
N GLU B 74 5.66 34.06 14.86
CA GLU B 74 4.44 34.86 14.99
C GLU B 74 3.61 34.45 16.21
N LEU B 75 3.59 33.14 16.48
CA LEU B 75 2.87 32.58 17.62
C LEU B 75 3.60 32.78 18.95
N GLY B 76 4.82 33.30 18.92
CA GLY B 76 5.56 33.66 20.13
C GLY B 76 6.59 32.64 20.57
N LEU B 77 6.91 31.69 19.69
CA LEU B 77 7.85 30.61 20.02
C LEU B 77 9.30 30.95 19.68
N GLU B 78 10.23 30.31 20.40
CA GLU B 78 11.68 30.49 20.18
C GLU B 78 12.30 29.12 19.93
N THR B 79 13.48 29.10 19.30
CA THR B 79 14.22 27.85 19.11
C THR B 79 15.51 27.85 19.92
N TYR B 80 16.07 26.65 20.11
CA TYR B 80 17.42 26.49 20.63
C TYR B 80 18.11 25.42 19.80
N LYS B 81 19.44 25.39 19.84
CA LYS B 81 20.23 24.46 19.05
C LYS B 81 20.37 23.09 19.69
N VAL B 82 20.17 22.05 18.88
CA VAL B 82 20.49 20.68 19.28
C VAL B 82 22.01 20.62 19.52
N ASN B 83 22.42 19.96 20.60
CA ASN B 83 23.84 19.95 20.95
C ASN B 83 24.70 19.19 19.95
N GLU B 84 25.62 19.91 19.30
CA GLU B 84 26.61 19.28 18.41
C GLU B 84 28.01 19.89 18.59
N VAL B 85 28.30 20.28 19.83
CA VAL B 85 29.57 20.92 20.17
C VAL B 85 30.72 19.91 20.10
N GLU B 86 30.51 18.73 20.71
CA GLU B 86 31.53 17.69 20.82
C GLU B 86 31.43 16.68 19.66
N ARG B 87 32.09 15.53 19.78
CA ARG B 87 32.18 14.59 18.67
C ARG B 87 30.95 13.71 18.48
N LEU B 88 30.65 13.43 17.22
CA LEU B 88 29.66 12.43 16.84
C LEU B 88 30.33 11.06 16.93
N ILE B 89 29.52 10.00 17.04
CA ILE B 89 30.04 8.63 17.06
C ILE B 89 29.44 7.78 15.92
N HIS B 90 30.30 7.08 15.19
CA HIS B 90 29.83 6.03 14.29
C HIS B 90 30.27 4.70 14.89
N HIS B 91 29.30 3.85 15.21
CA HIS B 91 29.56 2.54 15.84
C HIS B 91 29.42 1.48 14.75
N VAL B 92 30.54 0.82 14.44
CA VAL B 92 30.57 -0.17 13.37
C VAL B 92 31.35 -1.39 13.83
N LYS B 93 30.80 -2.58 13.55
CA LYS B 93 31.41 -3.85 13.94
C LYS B 93 31.89 -3.83 15.40
N GLY B 94 30.98 -3.39 16.27
CA GLY B 94 31.17 -3.44 17.72
C GLY B 94 32.14 -2.44 18.32
N LYS B 95 32.50 -1.41 17.57
CA LYS B 95 33.44 -0.39 18.06
C LYS B 95 33.00 1.03 17.71
N SER B 96 33.24 1.96 18.63
CA SER B 96 32.89 3.35 18.42
C SER B 96 34.04 4.13 17.79
N TYR B 97 33.71 4.90 16.75
CA TYR B 97 34.67 5.75 16.07
C TYR B 97 34.18 7.19 16.11
N PRO B 98 34.75 8.01 17.01
CA PRO B 98 34.30 9.40 17.09
C PRO B 98 34.77 10.22 15.88
N PHE B 99 33.97 11.20 15.48
CA PHE B 99 34.30 12.04 14.32
C PHE B 99 33.67 13.43 14.38
N ARG B 100 34.15 14.31 13.52
CA ARG B 100 33.58 15.65 13.32
C ARG B 100 33.21 15.82 11.84
N GLY B 101 32.26 16.71 11.55
CA GLY B 101 31.71 16.83 10.19
C GLY B 101 30.46 15.98 10.05
N PRO B 102 29.61 16.28 9.04
CA PRO B 102 28.31 15.60 8.91
C PRO B 102 28.34 14.13 8.45
N PHE B 103 29.27 13.78 7.55
CA PHE B 103 29.38 12.40 7.04
C PHE B 103 30.42 11.60 7.82
N PRO B 104 30.05 10.36 8.24
CA PRO B 104 31.06 9.54 8.94
C PRO B 104 32.21 9.15 8.00
N PRO B 105 33.45 9.36 8.44
CA PRO B 105 34.63 9.15 7.60
C PRO B 105 34.99 7.68 7.39
N VAL B 106 35.68 7.42 6.28
CA VAL B 106 36.08 6.08 5.86
C VAL B 106 37.58 6.12 5.59
N TRP B 107 38.31 5.11 6.06
CA TRP B 107 39.76 5.09 5.92
C TRP B 107 40.33 4.21 4.79
N ASN B 108 39.70 3.08 4.52
CA ASN B 108 40.07 2.22 3.38
C ASN B 108 39.81 2.96 2.05
N PRO B 109 40.81 2.97 1.14
CA PRO B 109 40.74 3.77 -0.09
C PRO B 109 39.62 3.34 -1.05
N ILE B 110 39.38 2.04 -1.15
CA ILE B 110 38.32 1.52 -2.03
C ILE B 110 36.95 1.84 -1.45
N THR B 111 36.83 1.64 -0.15
CA THR B 111 35.61 1.95 0.58
C THR B 111 35.34 3.46 0.56
N TYR B 112 36.42 4.26 0.62
CA TYR B 112 36.29 5.72 0.51
C TYR B 112 35.66 6.15 -0.83
N LEU B 113 36.17 5.60 -1.93
CA LEU B 113 35.63 5.90 -3.25
C LEU B 113 34.16 5.50 -3.36
N ASP B 114 33.83 4.33 -2.81
CA ASP B 114 32.46 3.77 -2.84
C ASP B 114 31.48 4.66 -2.08
N HIS B 115 31.85 5.05 -0.86
CA HIS B 115 31.02 5.94 -0.02
C HIS B 115 30.84 7.29 -0.69
N ASN B 116 31.95 7.89 -1.14
CA ASN B 116 31.89 9.17 -1.84
C ASN B 116 30.95 9.14 -3.04
N ASN B 117 31.05 8.07 -3.84
CA ASN B 117 30.23 7.93 -5.04
C ASN B 117 28.75 7.78 -4.69
N PHE B 118 28.45 7.07 -3.60
CA PHE B 118 27.06 6.86 -3.24
C PHE B 118 26.34 8.17 -2.96
N TRP B 119 26.90 8.98 -2.06
CA TRP B 119 26.28 10.26 -1.70
C TRP B 119 26.18 11.18 -2.90
N ARG B 120 27.26 11.24 -3.67
CA ARG B 120 27.33 12.08 -4.86
C ARG B 120 26.27 11.68 -5.88
N THR B 121 26.11 10.38 -6.08
CA THR B 121 25.14 9.85 -7.05
C THR B 121 23.70 10.15 -6.63
N MET B 122 23.42 10.07 -5.33
CA MET B 122 22.09 10.45 -4.81
C MET B 122 21.71 11.88 -5.23
N ASP B 123 22.67 12.80 -5.10
CA ASP B 123 22.42 14.19 -5.47
C ASP B 123 22.41 14.38 -7.00
N ASP B 124 23.29 13.67 -7.70
CA ASP B 124 23.30 13.67 -9.19
C ASP B 124 21.93 13.32 -9.75
N MET B 125 21.36 12.22 -9.26
CA MET B 125 20.05 11.75 -9.71
C MET B 125 18.94 12.74 -9.36
N GLY B 126 19.02 13.29 -8.14
CA GLY B 126 18.03 14.27 -7.68
C GLY B 126 17.92 15.51 -8.55
N ARG B 127 19.04 15.93 -9.14
CA ARG B 127 19.05 17.14 -9.98
C ARG B 127 18.16 17.02 -11.22
N GLU B 128 17.83 15.79 -11.61
CA GLU B 128 16.94 15.55 -12.76
C GLU B 128 15.48 15.32 -12.36
N ILE B 129 15.16 15.50 -11.08
CA ILE B 129 13.80 15.26 -10.57
C ILE B 129 13.10 16.56 -10.16
N PRO B 130 12.09 17.02 -10.94
CA PRO B 130 11.40 18.26 -10.56
C PRO B 130 10.71 18.14 -9.20
N SER B 131 10.93 19.11 -8.30
CA SER B 131 10.31 19.02 -6.97
C SER B 131 8.79 18.99 -7.00
N ASP B 132 8.20 19.73 -7.94
CA ASP B 132 6.74 19.84 -8.06
C ASP B 132 6.10 18.79 -8.97
N ALA B 133 6.91 17.88 -9.52
CA ALA B 133 6.43 16.87 -10.46
C ALA B 133 7.48 15.79 -10.68
N PRO B 134 7.76 14.96 -9.64
CA PRO B 134 8.80 13.94 -9.80
C PRO B 134 8.54 12.93 -10.93
N TRP B 135 7.27 12.70 -11.28
CA TRP B 135 6.87 11.85 -12.40
C TRP B 135 7.32 12.39 -13.77
N LYS B 136 7.83 13.63 -13.77
CA LYS B 136 8.36 14.23 -15.00
C LYS B 136 9.88 14.09 -15.13
N ALA B 137 10.51 13.39 -14.19
CA ALA B 137 11.94 13.05 -14.33
C ALA B 137 12.14 12.30 -15.65
N PRO B 138 13.24 12.58 -16.38
CA PRO B 138 13.49 11.92 -17.66
C PRO B 138 13.46 10.40 -17.55
N LEU B 139 13.96 9.86 -16.44
CA LEU B 139 13.95 8.42 -16.20
C LEU B 139 12.93 7.99 -15.14
N ALA B 140 11.81 8.71 -15.07
CA ALA B 140 10.84 8.51 -14.00
C ALA B 140 10.37 7.06 -13.91
N GLU B 141 10.00 6.45 -15.04
CA GLU B 141 9.50 5.08 -15.01
C GLU B 141 10.57 4.07 -14.61
N GLU B 142 11.75 4.19 -15.19
CA GLU B 142 12.87 3.31 -14.84
C GLU B 142 13.18 3.36 -13.33
N TRP B 143 13.25 4.57 -12.78
CA TRP B 143 13.57 4.74 -11.37
C TRP B 143 12.42 4.35 -10.45
N ASP B 144 11.17 4.56 -10.88
CA ASP B 144 10.00 4.21 -10.05
C ASP B 144 9.76 2.70 -10.00
N ASN B 145 10.26 1.98 -11.00
CA ASN B 145 10.03 0.53 -11.12
C ASN B 145 11.09 -0.30 -10.39
N MET B 146 11.95 0.40 -9.66
CA MET B 146 13.07 -0.16 -8.90
C MET B 146 12.88 0.21 -7.43
N THR B 147 13.18 -0.70 -6.50
CA THR B 147 13.25 -0.31 -5.08
C THR B 147 14.60 0.33 -4.74
N MET B 148 14.66 1.00 -3.59
CA MET B 148 15.95 1.51 -3.12
C MET B 148 16.95 0.38 -2.88
N LYS B 149 16.45 -0.81 -2.50
CA LYS B 149 17.34 -1.96 -2.30
C LYS B 149 18.08 -2.31 -3.59
N GLU B 150 17.31 -2.38 -4.69
CA GLU B 150 17.88 -2.67 -6.00
C GLU B 150 18.92 -1.63 -6.43
N LEU B 151 18.58 -0.35 -6.24
CA LEU B 151 19.50 0.74 -6.56
C LEU B 151 20.80 0.62 -5.76
N LEU B 152 20.67 0.39 -4.44
CA LEU B 152 21.86 0.25 -3.59
C LEU B 152 22.70 -0.97 -3.97
N ASP B 153 22.04 -2.06 -4.33
CA ASP B 153 22.74 -3.28 -4.80
C ASP B 153 23.58 -3.00 -6.04
N LYS B 154 23.07 -2.17 -6.95
CA LYS B 154 23.80 -1.76 -8.15
C LYS B 154 24.95 -0.80 -7.83
N LEU B 155 24.68 0.18 -6.97
CA LEU B 155 25.62 1.27 -6.75
C LEU B 155 26.77 0.95 -5.80
N CYS B 156 26.49 0.19 -4.74
CA CYS B 156 27.47 -0.02 -3.68
C CYS B 156 28.32 -1.25 -3.92
N TRP B 157 29.61 -1.02 -4.16
CA TRP B 157 30.57 -2.12 -4.38
C TRP B 157 31.15 -2.68 -3.09
N THR B 158 30.95 -1.97 -1.98
CA THR B 158 31.38 -2.43 -0.66
C THR B 158 30.20 -2.60 0.28
N GLU B 159 30.30 -3.56 1.20
CA GLU B 159 29.28 -3.78 2.22
C GLU B 159 29.18 -2.63 3.21
N SER B 160 30.32 -1.98 3.47
CA SER B 160 30.40 -0.80 4.32
C SER B 160 29.48 0.31 3.80
N ALA B 161 29.60 0.64 2.52
CA ALA B 161 28.76 1.67 1.91
C ALA B 161 27.29 1.24 1.90
N LYS B 162 27.04 -0.02 1.58
CA LYS B 162 25.66 -0.52 1.52
C LYS B 162 24.96 -0.48 2.88
N GLN B 163 25.70 -0.80 3.94
CA GLN B 163 25.16 -0.75 5.30
C GLN B 163 24.82 0.67 5.73
N LEU B 164 25.72 1.63 5.45
CA LEU B 164 25.46 3.02 5.80
C LEU B 164 24.34 3.62 4.94
N ALA B 165 24.34 3.28 3.66
CA ALA B 165 23.25 3.70 2.74
C ALA B 165 21.90 3.17 3.20
N THR B 166 21.89 1.93 3.67
CA THR B 166 20.66 1.32 4.19
C THR B 166 20.17 2.07 5.44
N LEU B 167 21.08 2.36 6.37
CA LEU B 167 20.72 3.13 7.57
C LEU B 167 20.14 4.49 7.17
N PHE B 168 20.79 5.15 6.20
CA PHE B 168 20.36 6.44 5.67
C PHE B 168 18.90 6.38 5.21
N VAL B 169 18.56 5.37 4.42
CA VAL B 169 17.18 5.22 3.94
C VAL B 169 16.22 4.97 5.11
N ASN B 170 16.58 4.02 5.98
CA ASN B 170 15.74 3.67 7.15
C ASN B 170 15.46 4.90 8.01
N LEU B 171 16.48 5.73 8.24
CA LEU B 171 16.37 6.89 9.13
C LEU B 171 15.59 8.06 8.51
N CYS B 172 15.73 8.25 7.20
CA CYS B 172 15.05 9.34 6.49
C CYS B 172 13.55 9.10 6.38
N VAL B 173 13.16 7.85 6.12
CA VAL B 173 11.78 7.56 5.71
C VAL B 173 11.11 6.40 6.49
N THR B 174 11.76 5.97 7.57
CA THR B 174 11.24 4.92 8.49
C THR B 174 10.68 3.70 7.77
N ALA B 175 11.39 3.29 6.73
CA ALA B 175 10.97 2.16 5.91
C ALA B 175 12.21 1.43 5.41
N GLU B 176 12.00 0.19 5.01
CA GLU B 176 13.08 -0.64 4.50
C GLU B 176 13.42 -0.23 3.07
N THR B 177 14.67 -0.45 2.67
CA THR B 177 15.10 -0.12 1.31
C THR B 177 14.27 -0.88 0.26
N HIS B 178 13.89 -2.12 0.56
CA HIS B 178 13.08 -2.92 -0.36
C HIS B 178 11.58 -2.52 -0.39
N GLU B 179 11.16 -1.68 0.55
CA GLU B 179 9.75 -1.26 0.62
C GLU B 179 9.43 -0.08 -0.31
N VAL B 180 10.42 0.73 -0.62
CA VAL B 180 10.20 2.05 -1.24
C VAL B 180 10.72 2.17 -2.68
N SER B 181 10.01 2.95 -3.50
CA SER B 181 10.48 3.31 -4.85
C SER B 181 11.76 4.14 -4.80
N ALA B 182 12.69 3.86 -5.72
CA ALA B 182 13.90 4.66 -5.85
C ALA B 182 13.58 6.06 -6.32
N LEU B 183 12.66 6.21 -7.29
CA LEU B 183 12.28 7.55 -7.75
C LEU B 183 11.73 8.37 -6.59
N TRP B 184 10.83 7.78 -5.81
CA TRP B 184 10.21 8.53 -4.70
C TRP B 184 11.26 8.92 -3.66
N PHE B 185 12.14 8.00 -3.29
CA PHE B 185 13.15 8.32 -2.27
C PHE B 185 14.11 9.42 -2.76
N LEU B 186 14.52 9.34 -4.03
CA LEU B 186 15.42 10.33 -4.60
C LEU B 186 14.76 11.71 -4.65
N TRP B 187 13.47 11.73 -4.99
CA TRP B 187 12.68 12.96 -4.91
C TRP B 187 12.69 13.50 -3.47
N TYR B 188 12.39 12.61 -2.51
CA TYR B 188 12.28 12.99 -1.11
C TYR B 188 13.52 13.72 -0.60
N VAL B 189 14.70 13.17 -0.92
CA VAL B 189 15.97 13.76 -0.50
C VAL B 189 16.21 15.10 -1.22
N LYS B 190 16.03 15.11 -2.54
CA LYS B 190 16.22 16.33 -3.32
C LYS B 190 15.32 17.50 -2.86
N GLN B 191 14.07 17.20 -2.52
CA GLN B 191 13.12 18.24 -2.14
C GLN B 191 13.34 18.75 -0.70
N CYS B 192 14.26 18.13 0.02
CA CYS B 192 14.77 18.69 1.29
C CYS B 192 16.08 19.44 1.09
N GLY B 193 16.52 19.56 -0.16
CA GLY B 193 17.79 20.26 -0.45
C GLY B 193 19.00 19.38 -0.65
N GLY B 194 18.81 18.06 -0.68
CA GLY B 194 19.88 17.12 -0.93
C GLY B 194 20.45 16.41 0.29
N THR B 195 21.48 15.59 0.08
CA THR B 195 21.99 14.69 1.12
C THR B 195 22.53 15.44 2.34
N THR B 196 23.42 16.41 2.10
CA THR B 196 24.03 17.16 3.20
C THR B 196 22.98 17.87 4.06
N ARG B 197 22.05 18.55 3.41
CA ARG B 197 21.03 19.31 4.12
C ARG B 197 20.13 18.40 4.97
N ILE B 198 19.72 17.25 4.43
CA ILE B 198 18.79 16.36 5.14
C ILE B 198 19.46 15.63 6.33
N ILE B 199 20.75 15.34 6.22
CA ILE B 199 21.46 14.56 7.27
C ILE B 199 22.13 15.40 8.35
N SER B 200 22.19 16.71 8.13
CA SER B 200 23.00 17.56 9.00
C SER B 200 22.22 18.07 10.21
N THR B 201 22.91 18.14 11.35
CA THR B 201 22.38 18.83 12.52
C THR B 201 22.77 20.30 12.32
N THR B 202 24.04 20.65 12.58
CA THR B 202 24.51 22.01 12.24
C THR B 202 24.29 22.27 10.74
N ASN B 203 23.59 23.36 10.41
CA ASN B 203 23.26 23.75 9.03
C ASN B 203 22.33 22.78 8.29
N GLY B 204 21.55 21.99 9.03
CA GLY B 204 20.63 21.04 8.39
C GLY B 204 19.29 20.89 9.09
N GLY B 205 18.53 19.86 8.69
CA GLY B 205 17.18 19.64 9.21
C GLY B 205 17.08 19.45 10.72
N GLN B 206 18.16 19.01 11.37
CA GLN B 206 18.12 18.72 12.80
C GLN B 206 18.77 19.80 13.65
N GLU B 207 18.91 21.01 13.13
CA GLU B 207 19.68 22.04 13.84
C GLU B 207 19.05 22.49 15.16
N ARG B 208 17.72 22.58 15.18
CA ARG B 208 17.03 23.23 16.28
C ARG B 208 15.79 22.49 16.75
N LYS B 209 15.35 22.82 17.97
CA LYS B 209 14.05 22.41 18.48
C LYS B 209 13.33 23.65 19.02
N PHE B 210 12.01 23.57 19.21
CA PHE B 210 11.26 24.68 19.81
C PHE B 210 11.33 24.63 21.33
N VAL B 211 11.64 25.78 21.95
CA VAL B 211 11.58 25.88 23.41
C VAL B 211 10.12 25.62 23.84
N GLY B 212 9.93 24.62 24.69
CA GLY B 212 8.58 24.24 25.16
C GLY B 212 7.85 23.22 24.31
N GLY B 213 8.40 22.87 23.16
CA GLY B 213 7.85 21.80 22.31
C GLY B 213 7.12 22.28 21.07
N SER B 214 7.14 21.44 20.04
CA SER B 214 6.51 21.76 18.75
C SER B 214 4.98 21.71 18.80
N GLY B 215 4.42 20.98 19.76
CA GLY B 215 2.96 20.93 19.97
C GLY B 215 2.36 22.30 20.12
N GLN B 216 3.15 23.25 20.62
CA GLN B 216 2.71 24.62 20.83
C GLN B 216 2.26 25.32 19.54
N VAL B 217 2.80 24.91 18.39
CA VAL B 217 2.35 25.48 17.11
C VAL B 217 0.85 25.25 16.92
N SER B 218 0.42 23.98 16.97
CA SER B 218 -0.99 23.66 16.79
C SER B 218 -1.86 24.15 17.96
N GLU B 219 -1.32 24.07 19.17
CA GLU B 219 -2.05 24.49 20.37
C GLU B 219 -2.35 25.98 20.31
N ARG B 220 -1.35 26.78 19.96
CA ARG B 220 -1.51 28.24 19.94
C ARG B 220 -2.41 28.75 18.81
N ILE B 221 -2.45 28.03 17.69
CA ILE B 221 -3.44 28.31 16.64
C ILE B 221 -4.85 27.94 17.13
N MET B 222 -4.97 26.83 17.86
CA MET B 222 -6.25 26.47 18.48
C MET B 222 -6.70 27.57 19.45
N ASP B 223 -5.74 28.14 20.16
CA ASP B 223 -6.02 29.24 21.10
C ASP B 223 -6.63 30.43 20.35
N LEU B 224 -6.01 30.80 19.23
CA LEU B 224 -6.53 31.88 18.39
C LEU B 224 -7.95 31.61 17.88
N LEU B 225 -8.19 30.39 17.42
CA LEU B 225 -9.45 30.07 16.75
C LEU B 225 -10.62 29.83 17.70
N GLY B 226 -10.31 29.55 18.96
CA GLY B 226 -11.33 29.31 20.00
C GLY B 226 -12.23 28.14 19.70
N ASP B 227 -13.54 28.38 19.75
CA ASP B 227 -14.50 27.30 19.58
C ASP B 227 -14.72 26.90 18.12
N ARG B 228 -13.94 27.49 17.21
CA ARG B 228 -13.94 27.05 15.80
C ARG B 228 -13.30 25.66 15.63
N VAL B 229 -12.46 25.27 16.59
CA VAL B 229 -11.86 23.93 16.62
C VAL B 229 -12.75 22.97 17.41
N LYS B 230 -13.15 21.89 16.75
CA LYS B 230 -14.04 20.88 17.33
C LYS B 230 -13.25 19.60 17.52
N LEU B 231 -12.96 19.27 18.78
CA LEU B 231 -12.19 18.08 19.12
C LEU B 231 -13.11 16.87 19.26
N GLU B 232 -12.56 15.67 19.02
CA GLU B 232 -13.35 14.43 19.03
C GLU B 232 -14.50 14.46 18.02
N ARG B 233 -14.18 14.98 16.84
CA ARG B 233 -15.07 15.02 15.68
C ARG B 233 -14.38 14.34 14.48
N PRO B 234 -14.28 13.00 14.51
CA PRO B 234 -13.77 12.33 13.32
C PRO B 234 -14.78 12.45 12.19
N VAL B 235 -14.31 12.91 11.03
CA VAL B 235 -15.14 13.01 9.83
C VAL B 235 -15.35 11.61 9.23
N ILE B 236 -16.61 11.30 8.92
CA ILE B 236 -17.00 9.97 8.39
C ILE B 236 -17.61 10.03 6.98
N TYR B 237 -18.04 11.22 6.56
CA TYR B 237 -18.87 11.35 5.36
C TYR B 237 -18.78 12.76 4.78
N ILE B 238 -18.53 12.82 3.47
CA ILE B 238 -18.52 14.09 2.72
C ILE B 238 -19.42 13.97 1.50
N ASP B 239 -20.40 14.87 1.40
CA ASP B 239 -21.41 14.86 0.34
C ASP B 239 -21.31 16.15 -0.47
N GLN B 240 -21.03 16.01 -1.75
CA GLN B 240 -20.88 17.15 -2.65
C GLN B 240 -21.96 17.18 -3.74
N THR B 241 -23.07 16.51 -3.50
CA THR B 241 -24.13 16.42 -4.52
C THR B 241 -25.01 17.68 -4.56
N ARG B 242 -24.99 18.46 -3.49
CA ARG B 242 -25.88 19.64 -3.37
C ARG B 242 -25.10 20.96 -3.47
N GLU B 243 -25.84 22.08 -3.35
CA GLU B 243 -25.27 23.44 -3.49
C GLU B 243 -24.11 23.70 -2.53
N ASN B 244 -24.30 23.37 -1.26
CA ASN B 244 -23.25 23.46 -0.25
C ASN B 244 -22.73 22.06 0.09
N VAL B 245 -21.44 21.98 0.43
CA VAL B 245 -20.81 20.73 0.83
C VAL B 245 -21.22 20.37 2.25
N LEU B 246 -21.59 19.10 2.45
CA LEU B 246 -21.99 18.61 3.76
C LEU B 246 -20.94 17.65 4.33
N VAL B 247 -20.50 17.94 5.55
CA VAL B 247 -19.50 17.11 6.22
C VAL B 247 -20.05 16.57 7.54
N GLU B 248 -20.11 15.24 7.65
CA GLU B 248 -20.67 14.59 8.84
C GLU B 248 -19.56 13.97 9.71
N THR B 249 -19.72 14.07 11.03
CA THR B 249 -18.79 13.49 11.99
C THR B 249 -19.36 12.24 12.67
N LEU B 250 -18.47 11.46 13.29
CA LEU B 250 -18.84 10.21 13.96
C LEU B 250 -19.79 10.44 15.15
N ASN B 251 -19.62 11.59 15.82
CA ASN B 251 -20.47 11.97 16.96
C ASN B 251 -21.77 12.64 16.52
N HIS B 252 -22.11 12.44 15.24
CA HIS B 252 -23.44 12.71 14.66
C HIS B 252 -23.74 14.14 14.17
N GLU B 253 -22.75 15.02 14.26
CA GLU B 253 -22.91 16.42 13.87
C GLU B 253 -22.78 16.62 12.36
N MET B 254 -23.47 17.64 11.85
CA MET B 254 -23.44 18.00 10.43
C MET B 254 -22.87 19.39 10.25
N TYR B 255 -21.93 19.53 9.31
CA TYR B 255 -21.35 20.83 8.99
C TYR B 255 -21.58 21.15 7.53
N GLU B 256 -21.87 22.41 7.25
CA GLU B 256 -22.16 22.87 5.90
C GLU B 256 -21.19 23.97 5.51
N ALA B 257 -20.54 23.81 4.36
CA ALA B 257 -19.52 24.75 3.91
C ALA B 257 -19.50 24.92 2.40
N LYS B 258 -18.87 26.00 1.94
CA LYS B 258 -18.67 26.27 0.52
C LYS B 258 -17.55 25.39 -0.04
N TYR B 259 -16.51 25.17 0.77
CA TYR B 259 -15.34 24.36 0.39
C TYR B 259 -14.82 23.54 1.59
N VAL B 260 -14.01 22.53 1.27
CA VAL B 260 -13.37 21.69 2.29
C VAL B 260 -11.88 21.60 2.00
N ILE B 261 -11.07 21.65 3.07
CA ILE B 261 -9.66 21.26 2.99
C ILE B 261 -9.47 19.94 3.71
N SER B 262 -8.93 18.94 2.99
CA SER B 262 -8.54 17.68 3.58
C SER B 262 -7.09 17.81 4.04
N ALA B 263 -6.87 17.87 5.36
CA ALA B 263 -5.51 18.04 5.90
C ALA B 263 -5.04 16.82 6.70
N ILE B 264 -5.38 15.64 6.18
CA ILE B 264 -5.04 14.37 6.81
C ILE B 264 -4.09 13.58 5.90
N PRO B 265 -3.32 12.62 6.47
CA PRO B 265 -2.47 11.76 5.61
C PRO B 265 -3.30 11.17 4.47
N PRO B 266 -2.73 11.07 3.25
CA PRO B 266 -3.53 10.64 2.10
C PRO B 266 -4.34 9.36 2.33
N THR B 267 -3.70 8.33 2.90
CA THR B 267 -4.39 7.07 3.10
C THR B 267 -5.57 7.17 4.09
N LEU B 268 -5.51 8.12 5.02
CA LEU B 268 -6.60 8.27 6.00
C LEU B 268 -7.87 8.86 5.39
N GLY B 269 -7.79 9.29 4.13
CA GLY B 269 -9.00 9.59 3.34
C GLY B 269 -9.90 8.38 3.20
N MET B 270 -9.34 7.19 3.40
CA MET B 270 -10.13 5.96 3.36
C MET B 270 -11.20 5.89 4.45
N LYS B 271 -10.98 6.61 5.56
CA LYS B 271 -11.90 6.60 6.70
C LYS B 271 -13.18 7.43 6.47
N ILE B 272 -13.22 8.10 5.32
CA ILE B 272 -14.34 8.95 4.92
C ILE B 272 -15.09 8.30 3.74
N HIS B 273 -16.41 8.23 3.86
CA HIS B 273 -17.27 7.71 2.79
C HIS B 273 -17.69 8.91 1.93
N PHE B 274 -17.51 8.78 0.62
CA PHE B 274 -17.71 9.91 -0.30
C PHE B 274 -18.95 9.79 -1.17
N ASN B 275 -19.67 10.90 -1.29
CA ASN B 275 -20.81 10.99 -2.19
C ASN B 275 -20.70 12.29 -2.99
N PRO B 276 -20.58 12.20 -4.33
CA PRO B 276 -20.44 10.99 -5.13
C PRO B 276 -19.10 10.30 -4.84
N PRO B 277 -18.91 9.06 -5.34
CA PRO B 277 -17.63 8.39 -5.09
C PRO B 277 -16.47 9.21 -5.66
N LEU B 278 -15.28 9.01 -5.09
CA LEU B 278 -14.09 9.66 -5.62
C LEU B 278 -13.82 9.21 -7.05
N PRO B 279 -13.15 10.05 -7.86
CA PRO B 279 -12.73 9.56 -9.17
C PRO B 279 -11.82 8.33 -9.02
N MET B 280 -11.82 7.45 -10.03
CA MET B 280 -11.05 6.19 -9.98
C MET B 280 -9.62 6.33 -9.47
N MET B 281 -8.89 7.31 -9.98
CA MET B 281 -7.47 7.45 -9.65
C MET B 281 -7.23 7.77 -8.18
N ARG B 282 -8.03 8.67 -7.61
CA ARG B 282 -7.89 8.93 -6.17
C ARG B 282 -8.42 7.76 -5.34
N ASN B 283 -9.53 7.15 -5.78
CA ASN B 283 -10.07 5.96 -5.11
C ASN B 283 -9.01 4.88 -4.87
N GLN B 284 -8.19 4.60 -5.88
CA GLN B 284 -7.12 3.62 -5.74
C GLN B 284 -5.85 4.17 -5.10
N MET B 285 -5.54 5.43 -5.37
CA MET B 285 -4.32 6.05 -4.79
C MET B 285 -4.28 5.93 -3.28
N ILE B 286 -5.41 6.19 -2.62
CA ILE B 286 -5.45 6.25 -1.15
C ILE B 286 -5.35 4.88 -0.46
N THR B 287 -5.30 3.81 -1.26
CA THR B 287 -5.01 2.44 -0.79
C THR B 287 -3.54 2.02 -1.05
N ARG B 288 -2.75 2.91 -1.65
CA ARG B 288 -1.42 2.54 -2.16
C ARG B 288 -0.27 3.28 -1.48
N VAL B 289 -0.58 4.01 -0.41
CA VAL B 289 0.34 4.99 0.16
C VAL B 289 0.41 4.86 1.70
N PRO B 290 1.14 3.85 2.20
CA PRO B 290 1.28 3.66 3.65
C PRO B 290 2.23 4.67 4.31
N LEU B 291 2.16 4.77 5.63
CA LEU B 291 3.13 5.56 6.41
C LEU B 291 4.16 4.62 7.03
N GLY B 292 5.34 5.17 7.35
CA GLY B 292 6.42 4.38 7.94
C GLY B 292 6.19 3.96 9.38
N SER B 293 7.17 3.26 9.95
CA SER B 293 7.04 2.68 11.28
C SER B 293 8.19 3.13 12.17
N VAL B 294 7.85 3.65 13.35
CA VAL B 294 8.87 4.17 14.28
C VAL B 294 8.37 4.25 15.72
N ILE B 295 9.26 3.95 16.65
CA ILE B 295 9.06 4.25 18.06
C ILE B 295 10.11 5.28 18.45
N LYS B 296 9.66 6.45 18.93
CA LYS B 296 10.56 7.48 19.43
C LYS B 296 10.74 7.30 20.93
N CYS B 297 11.99 7.22 21.38
CA CYS B 297 12.31 6.84 22.76
C CYS B 297 13.26 7.85 23.35
N ILE B 298 12.96 8.32 24.55
CA ILE B 298 13.81 9.30 25.23
C ILE B 298 14.19 8.78 26.61
N VAL B 299 15.49 8.55 26.81
CA VAL B 299 16.03 8.08 28.09
C VAL B 299 16.66 9.26 28.83
N TYR B 300 16.27 9.47 30.09
CA TYR B 300 16.73 10.60 30.89
C TYR B 300 17.80 10.19 31.88
N TYR B 301 18.75 11.09 32.11
CA TYR B 301 19.86 10.87 33.02
C TYR B 301 20.07 12.08 33.94
N LYS B 302 20.81 11.87 35.03
CA LYS B 302 21.10 12.95 35.99
C LYS B 302 21.88 14.09 35.34
N GLU B 303 22.86 13.74 34.50
CA GLU B 303 23.72 14.71 33.82
C GLU B 303 23.95 14.27 32.36
N PRO B 304 24.29 15.22 31.47
CA PRO B 304 24.67 14.83 30.12
C PRO B 304 26.11 14.30 30.12
N PHE B 305 26.29 13.12 30.71
CA PHE B 305 27.63 12.59 31.02
C PHE B 305 28.52 12.37 29.79
N TRP B 306 27.91 12.14 28.63
CA TRP B 306 28.64 11.94 27.39
C TRP B 306 29.53 13.13 27.02
N ARG B 307 29.10 14.34 27.38
CA ARG B 307 29.85 15.55 27.09
C ARG B 307 31.24 15.55 27.75
N LYS B 308 31.35 14.90 28.90
CA LYS B 308 32.63 14.79 29.62
C LYS B 308 33.68 13.97 28.85
N LYS B 309 33.21 13.07 27.99
CA LYS B 309 34.10 12.25 27.16
C LYS B 309 34.29 12.84 25.76
N ASP B 310 33.88 14.09 25.59
CA ASP B 310 33.92 14.82 24.30
C ASP B 310 33.03 14.13 23.24
N TYR B 311 31.87 13.65 23.68
CA TYR B 311 30.83 13.14 22.78
C TYR B 311 29.61 14.06 22.86
N CYS B 312 29.03 14.41 21.71
CA CYS B 312 27.87 15.33 21.73
C CYS B 312 26.55 14.61 22.05
N GLY B 313 26.52 13.29 21.86
CA GLY B 313 25.30 12.51 22.08
C GLY B 313 24.73 11.94 20.81
N THR B 314 25.24 12.39 19.66
CA THR B 314 24.90 11.79 18.37
C THR B 314 25.58 10.44 18.20
N MET B 315 24.78 9.41 17.97
CA MET B 315 25.29 8.06 17.70
C MET B 315 24.66 7.54 16.41
N ILE B 316 25.50 7.03 15.52
CA ILE B 316 25.06 6.38 14.28
C ILE B 316 25.51 4.94 14.43
N ILE B 317 24.54 4.04 14.58
CA ILE B 317 24.84 2.67 15.01
C ILE B 317 24.40 1.67 13.93
N ASP B 318 25.37 1.05 13.26
CA ASP B 318 25.09 0.13 12.16
C ASP B 318 24.69 -1.24 12.69
N GLY B 319 24.00 -2.02 11.86
CA GLY B 319 23.80 -3.44 12.16
C GLY B 319 22.40 -3.85 12.61
N GLU B 320 22.11 -5.14 12.46
CA GLU B 320 20.80 -5.67 12.80
C GLU B 320 20.52 -5.73 14.30
N GLU B 321 21.57 -6.01 15.07
CA GLU B 321 21.42 -6.26 16.51
C GLU B 321 20.92 -5.04 17.30
N ALA B 322 21.45 -3.87 16.98
CA ALA B 322 21.14 -2.63 17.72
C ALA B 322 19.67 -2.25 17.56
N PRO B 323 18.96 -2.01 18.68
CA PRO B 323 17.54 -1.65 18.53
C PRO B 323 17.36 -0.26 17.94
N VAL B 324 18.29 0.63 18.23
CA VAL B 324 18.25 2.04 17.82
C VAL B 324 19.43 2.30 16.91
N ALA B 325 19.16 2.85 15.73
CA ALA B 325 20.23 3.13 14.76
C ALA B 325 20.75 4.56 14.82
N TYR B 326 20.02 5.44 15.49
CA TYR B 326 20.39 6.87 15.52
C TYR B 326 19.91 7.58 16.77
N THR B 327 20.80 8.39 17.36
CA THR B 327 20.44 9.18 18.54
C THR B 327 20.89 10.62 18.39
N LEU B 328 20.23 11.51 19.13
CA LEU B 328 20.69 12.88 19.35
C LEU B 328 20.54 13.25 20.82
N ASP B 329 21.36 14.20 21.28
CA ASP B 329 21.23 14.75 22.62
C ASP B 329 19.89 15.48 22.73
N ASP B 330 19.07 15.12 23.72
CA ASP B 330 17.76 15.77 23.93
C ASP B 330 17.72 16.63 25.20
N THR B 331 18.90 16.91 25.74
CA THR B 331 19.07 17.80 26.91
C THR B 331 18.52 19.21 26.63
N LYS B 332 17.91 19.81 27.66
CA LYS B 332 17.34 21.16 27.59
C LYS B 332 18.45 22.21 27.42
N PRO B 333 18.10 23.40 26.88
CA PRO B 333 19.13 24.39 26.63
C PRO B 333 19.86 24.79 27.91
N GLU B 334 19.16 24.70 29.05
CA GLU B 334 19.73 25.07 30.33
C GLU B 334 20.76 24.04 30.84
N GLY B 335 20.82 22.88 30.20
CA GLY B 335 21.78 21.83 30.58
C GLY B 335 21.16 20.81 31.52
N ASN B 336 19.91 21.05 31.87
CA ASN B 336 19.18 20.12 32.75
C ASN B 336 18.24 19.23 31.94
N TYR B 337 17.57 18.32 32.65
CA TYR B 337 16.78 17.25 32.03
C TYR B 337 17.62 16.52 30.97
N ALA B 338 18.86 16.18 31.32
CA ALA B 338 19.74 15.44 30.42
C ALA B 338 19.05 14.21 29.83
N ALA B 339 19.21 13.99 28.54
CA ALA B 339 18.47 12.92 27.85
C ALA B 339 19.08 12.58 26.50
N ILE B 340 18.88 11.34 26.08
CA ILE B 340 19.22 10.87 24.75
C ILE B 340 17.94 10.46 24.03
N MET B 341 17.72 11.03 22.86
CA MET B 341 16.61 10.65 21.98
C MET B 341 17.09 9.58 21.00
N GLY B 342 16.35 8.48 20.87
CA GLY B 342 16.65 7.47 19.85
C GLY B 342 15.41 7.00 19.09
N PHE B 343 15.61 6.59 17.83
CA PHE B 343 14.53 6.05 17.00
C PHE B 343 14.71 4.54 16.85
N ILE B 344 13.63 3.80 17.08
CA ILE B 344 13.57 2.37 16.70
C ILE B 344 12.85 2.32 15.36
N LEU B 345 13.56 1.91 14.31
CA LEU B 345 13.13 2.16 12.92
C LEU B 345 12.58 0.96 12.17
N ALA B 346 11.51 1.20 11.40
CA ALA B 346 11.01 0.24 10.39
C ALA B 346 10.75 -1.17 10.96
N HIS B 347 11.38 -2.23 10.44
CA HIS B 347 11.09 -3.59 10.95
C HIS B 347 11.39 -3.77 12.43
N LYS B 348 12.35 -3.01 12.95
CA LYS B 348 12.68 -3.09 14.36
C LYS B 348 11.55 -2.53 15.24
N ALA B 349 10.80 -1.54 14.73
CA ALA B 349 9.62 -1.04 15.45
C ALA B 349 8.59 -2.15 15.57
N ARG B 350 8.38 -2.88 14.48
CA ARG B 350 7.45 -4.01 14.46
C ARG B 350 7.90 -5.12 15.42
N LYS B 351 9.20 -5.45 15.39
CA LYS B 351 9.75 -6.54 16.18
C LYS B 351 9.75 -6.25 17.68
N LEU B 352 10.16 -5.05 18.05
CA LEU B 352 10.38 -4.71 19.45
C LEU B 352 9.14 -4.16 20.16
N ALA B 353 8.07 -3.98 19.40
CA ALA B 353 6.79 -3.54 19.96
C ALA B 353 6.19 -4.58 20.91
N ARG B 354 6.54 -5.85 20.68
CA ARG B 354 6.08 -6.99 21.50
C ARG B 354 6.55 -6.94 22.95
N LEU B 355 7.64 -6.21 23.20
CA LEU B 355 8.24 -6.09 24.52
C LEU B 355 7.51 -5.10 25.43
N THR B 356 7.81 -5.13 26.72
CA THR B 356 7.30 -4.13 27.65
C THR B 356 8.14 -2.85 27.55
N LYS B 357 7.59 -1.75 28.05
CA LYS B 357 8.30 -0.48 28.14
C LYS B 357 9.63 -0.64 28.89
N GLU B 358 9.58 -1.40 29.99
CA GLU B 358 10.75 -1.66 30.83
C GLU B 358 11.82 -2.47 30.08
N GLU B 359 11.37 -3.46 29.30
CA GLU B 359 12.27 -4.25 28.47
C GLU B 359 12.98 -3.43 27.39
N ARG B 360 12.24 -2.52 26.75
CA ARG B 360 12.85 -1.61 25.77
C ARG B 360 13.85 -0.68 26.45
N LEU B 361 13.48 -0.14 27.61
CA LEU B 361 14.41 0.71 28.38
C LEU B 361 15.74 0.00 28.65
N LYS B 362 15.68 -1.26 29.11
CA LYS B 362 16.89 -2.01 29.41
C LYS B 362 17.76 -2.18 28.16
N LYS B 363 17.14 -2.56 27.04
CA LYS B 363 17.87 -2.74 25.77
C LYS B 363 18.55 -1.46 25.29
N LEU B 364 17.84 -0.32 25.40
CA LEU B 364 18.42 0.95 25.00
C LEU B 364 19.59 1.38 25.88
N CYS B 365 19.43 1.24 27.20
CA CYS B 365 20.48 1.60 28.14
C CYS B 365 21.76 0.76 27.95
N GLU B 366 21.60 -0.53 27.74
CA GLU B 366 22.75 -1.41 27.48
C GLU B 366 23.45 -1.07 26.15
N LEU B 367 22.67 -0.78 25.11
CA LEU B 367 23.23 -0.30 23.85
C LEU B 367 24.02 1.01 24.05
N TYR B 368 23.40 1.98 24.72
CA TYR B 368 24.05 3.27 24.93
C TYR B 368 25.33 3.14 25.75
N ALA B 369 25.33 2.22 26.72
CA ALA B 369 26.50 1.97 27.56
C ALA B 369 27.66 1.46 26.69
N LYS B 370 27.35 0.56 25.76
CA LYS B 370 28.37 0.05 24.84
C LYS B 370 28.91 1.15 23.92
N VAL B 371 28.01 1.89 23.30
CA VAL B 371 28.41 2.86 22.28
C VAL B 371 29.13 4.09 22.87
N LEU B 372 28.59 4.59 23.98
CA LEU B 372 29.22 5.71 24.69
C LEU B 372 30.38 5.28 25.60
N GLY B 373 30.55 3.98 25.78
CA GLY B 373 31.59 3.43 26.65
C GLY B 373 31.50 3.96 28.07
N SER B 374 30.29 3.98 28.61
CA SER B 374 30.04 4.53 29.94
C SER B 374 29.00 3.73 30.72
N LEU B 375 29.38 3.36 31.94
CA LEU B 375 28.46 2.69 32.85
C LEU B 375 27.32 3.61 33.31
N GLU B 376 27.52 4.91 33.14
CA GLU B 376 26.48 5.89 33.52
C GLU B 376 25.19 5.70 32.73
N ALA B 377 25.31 5.15 31.52
CA ALA B 377 24.15 4.90 30.66
C ALA B 377 23.19 3.85 31.23
N LEU B 378 23.70 3.06 32.19
CA LEU B 378 22.92 2.01 32.83
C LEU B 378 22.07 2.49 34.01
N GLU B 379 22.14 3.79 34.29
CA GLU B 379 21.37 4.35 35.41
C GLU B 379 20.40 5.46 35.00
N PRO B 380 19.36 5.11 34.20
CA PRO B 380 18.40 6.12 33.79
C PRO B 380 17.55 6.60 34.97
N VAL B 381 17.13 7.86 34.90
CA VAL B 381 16.25 8.43 35.95
C VAL B 381 14.78 8.49 35.52
N HIS B 382 14.54 8.41 34.22
CA HIS B 382 13.19 8.47 33.66
C HIS B 382 13.21 7.98 32.20
N TYR B 383 12.03 7.63 31.69
CA TYR B 383 11.89 7.13 30.31
C TYR B 383 10.54 7.54 29.73
N GLU B 384 10.54 8.03 28.48
CA GLU B 384 9.29 8.27 27.73
C GLU B 384 9.45 7.68 26.32
N GLU B 385 8.34 7.19 25.76
CA GLU B 385 8.35 6.63 24.41
C GLU B 385 6.99 6.74 23.75
N LYS B 386 6.97 6.70 22.43
CA LYS B 386 5.72 6.64 21.68
C LYS B 386 5.89 5.81 20.42
N ASN B 387 5.05 4.78 20.29
CA ASN B 387 5.01 3.95 19.10
C ASN B 387 3.93 4.48 18.17
N TRP B 388 4.35 5.13 17.09
CA TRP B 388 3.40 5.78 16.17
C TRP B 388 2.64 4.79 15.28
N CYS B 389 3.08 3.53 15.26
CA CYS B 389 2.40 2.51 14.47
C CYS B 389 1.00 2.20 15.03
N GLU B 390 0.77 2.55 16.28
CA GLU B 390 -0.50 2.20 16.93
C GLU B 390 -1.62 3.24 16.71
N GLU B 391 -1.30 4.37 16.08
CA GLU B 391 -2.22 5.50 15.98
C GLU B 391 -3.24 5.38 14.84
N GLN B 392 -4.51 5.20 15.18
CA GLN B 392 -5.60 5.13 14.19
C GLN B 392 -5.65 6.37 13.29
N TYR B 393 -5.43 7.54 13.87
CA TYR B 393 -5.58 8.79 13.11
C TYR B 393 -4.26 9.40 12.60
N SER B 394 -3.18 8.60 12.66
CA SER B 394 -1.94 8.93 11.95
C SER B 394 -1.58 7.87 10.91
N GLY B 395 -1.65 6.59 11.31
CA GLY B 395 -1.24 5.49 10.44
C GLY B 395 0.23 5.11 10.53
N GLY B 396 1.02 5.96 11.17
CA GLY B 396 2.47 5.78 11.31
C GLY B 396 3.21 7.12 11.37
N CYS B 397 4.54 7.08 11.24
CA CYS B 397 5.41 8.28 11.21
C CYS B 397 6.73 7.91 10.53
N TYR B 398 7.47 8.87 10.00
CA TYR B 398 7.14 10.32 10.03
C TYR B 398 6.10 10.69 9.00
N THR B 399 6.12 9.97 7.87
CA THR B 399 5.33 10.37 6.73
C THR B 399 4.97 9.19 5.82
N THR B 400 4.28 9.51 4.75
CA THR B 400 3.84 8.53 3.75
C THR B 400 4.98 8.17 2.80
N TYR B 401 5.19 6.88 2.56
CA TYR B 401 6.15 6.45 1.55
C TYR B 401 5.45 5.83 0.35
N PHE B 402 6.13 5.82 -0.80
CA PHE B 402 5.57 5.27 -2.04
C PHE B 402 6.30 4.00 -2.44
N PRO B 403 5.59 2.85 -2.44
CA PRO B 403 6.16 1.60 -2.95
C PRO B 403 6.44 1.67 -4.46
N PRO B 404 7.22 0.71 -5.00
CA PRO B 404 7.58 0.80 -6.41
C PRO B 404 6.35 0.84 -7.33
N GLY B 405 6.40 1.72 -8.33
CA GLY B 405 5.36 1.85 -9.35
C GLY B 405 4.24 2.86 -9.08
N ILE B 406 4.15 3.34 -7.85
CA ILE B 406 2.97 4.14 -7.43
C ILE B 406 3.08 5.62 -7.78
N LEU B 407 4.25 6.22 -7.56
CA LEU B 407 4.40 7.67 -7.77
C LEU B 407 4.16 8.10 -9.23
N THR B 408 4.64 7.29 -10.17
CA THR B 408 4.44 7.63 -11.58
C THR B 408 2.98 7.41 -12.00
N GLN B 409 2.34 6.39 -11.44
CA GLN B 409 0.96 6.06 -11.83
C GLN B 409 -0.10 6.91 -11.16
N TYR B 410 0.16 7.32 -9.92
CA TYR B 410 -0.83 8.02 -9.09
C TYR B 410 -0.38 9.36 -8.50
N GLY B 411 0.89 9.71 -8.67
CA GLY B 411 1.45 10.91 -8.02
C GLY B 411 0.75 12.22 -8.35
N ARG B 412 0.31 12.32 -9.61
CA ARG B 412 -0.38 13.50 -10.12
C ARG B 412 -1.64 13.84 -9.35
N VAL B 413 -2.31 12.84 -8.79
CA VAL B 413 -3.61 13.15 -8.16
C VAL B 413 -3.54 13.56 -6.70
N LEU B 414 -2.35 13.47 -6.08
CA LEU B 414 -2.19 13.86 -4.66
C LEU B 414 -2.84 15.18 -4.28
N ARG B 415 -2.53 16.23 -5.04
CA ARG B 415 -3.12 17.51 -4.67
C ARG B 415 -4.13 18.05 -5.68
N GLN B 416 -4.59 17.18 -6.57
CA GLN B 416 -5.65 17.55 -7.52
C GLN B 416 -6.99 17.74 -6.78
N PRO B 417 -7.60 18.94 -6.88
CA PRO B 417 -8.88 19.14 -6.20
C PRO B 417 -9.95 18.17 -6.70
N VAL B 418 -10.86 17.76 -5.80
CA VAL B 418 -12.00 16.94 -6.16
C VAL B 418 -13.26 17.80 -5.92
N ASP B 419 -13.73 18.43 -7.00
CA ASP B 419 -14.86 19.38 -6.95
C ASP B 419 -14.52 20.53 -5.98
N ARG B 420 -15.08 20.51 -4.78
CA ARG B 420 -14.81 21.58 -3.80
C ARG B 420 -13.92 21.17 -2.63
N ILE B 421 -13.32 19.97 -2.73
CA ILE B 421 -12.34 19.50 -1.75
C ILE B 421 -10.93 19.79 -2.27
N TYR B 422 -10.15 20.51 -1.46
CA TYR B 422 -8.75 20.81 -1.76
C TYR B 422 -7.87 20.06 -0.77
N PHE B 423 -6.62 19.80 -1.16
CA PHE B 423 -5.77 18.88 -0.37
C PHE B 423 -4.53 19.53 0.22
N ALA B 424 -4.49 19.56 1.55
CA ALA B 424 -3.32 20.01 2.28
C ALA B 424 -2.59 18.77 2.83
N GLY B 425 -1.86 18.96 3.92
CA GLY B 425 -1.07 17.88 4.52
C GLY B 425 0.35 17.86 3.99
N THR B 426 1.31 17.54 4.85
CA THR B 426 2.73 17.63 4.46
C THR B 426 3.07 16.80 3.21
N GLU B 427 2.34 15.71 2.98
CA GLU B 427 2.55 14.84 1.80
C GLU B 427 2.39 15.56 0.46
N THR B 428 1.60 16.65 0.46
CA THR B 428 1.37 17.44 -0.75
C THR B 428 2.34 18.61 -0.96
N ALA B 429 3.31 18.79 -0.05
CA ALA B 429 4.29 19.89 -0.21
C ALA B 429 5.33 19.62 -1.28
N THR B 430 6.01 20.67 -1.73
CA THR B 430 7.09 20.55 -2.72
C THR B 430 8.48 20.83 -2.15
N HIS B 431 8.54 21.26 -0.90
CA HIS B 431 9.79 21.57 -0.21
C HIS B 431 9.63 21.13 1.24
N TRP B 432 10.51 20.23 1.68
CA TRP B 432 10.39 19.58 3.01
C TRP B 432 9.05 18.88 3.24
N SER B 433 8.50 18.29 2.18
CA SER B 433 7.40 17.35 2.35
C SER B 433 7.85 16.26 3.32
N GLY B 434 6.97 15.91 4.26
CA GLY B 434 7.30 14.93 5.30
C GLY B 434 7.57 15.57 6.65
N TYR B 435 7.79 16.89 6.63
CA TYR B 435 8.21 17.68 7.79
C TYR B 435 7.14 18.69 8.20
N MET B 436 7.34 19.31 9.36
CA MET B 436 6.50 20.41 9.81
C MET B 436 6.51 21.56 8.78
N GLU B 437 7.68 21.84 8.21
CA GLU B 437 7.80 22.85 7.14
C GLU B 437 6.84 22.56 5.98
N GLY B 438 6.85 21.33 5.48
CA GLY B 438 5.92 20.92 4.42
C GLY B 438 4.45 21.03 4.81
N ALA B 439 4.14 20.75 6.08
CA ALA B 439 2.76 20.93 6.57
C ALA B 439 2.29 22.38 6.40
N VAL B 440 3.13 23.34 6.78
CA VAL B 440 2.81 24.77 6.63
C VAL B 440 2.66 25.16 5.15
N GLU B 441 3.62 24.76 4.32
CA GLU B 441 3.57 25.06 2.89
C GLU B 441 2.26 24.58 2.27
N ALA B 442 1.88 23.33 2.55
CA ALA B 442 0.69 22.71 1.96
C ALA B 442 -0.61 23.31 2.45
N GLY B 443 -0.68 23.62 3.74
CA GLY B 443 -1.88 24.18 4.34
C GLY B 443 -2.14 25.57 3.78
N GLU B 444 -1.10 26.38 3.71
CA GLU B 444 -1.24 27.74 3.19
C GLU B 444 -1.56 27.76 1.69
N ARG B 445 -0.94 26.85 0.92
CA ARG B 445 -1.26 26.71 -0.51
C ARG B 445 -2.71 26.25 -0.76
N ALA B 446 -3.17 25.23 -0.04
CA ALA B 446 -4.57 24.78 -0.16
C ALA B 446 -5.54 25.91 0.20
N ALA B 447 -5.22 26.67 1.25
CA ALA B 447 -6.05 27.83 1.65
C ALA B 447 -6.15 28.85 0.51
N ARG B 448 -5.02 29.15 -0.11
CA ARG B 448 -4.96 30.12 -1.21
C ARG B 448 -5.64 29.62 -2.49
N GLU B 449 -5.62 28.31 -2.73
CA GLU B 449 -6.40 27.73 -3.83
C GLU B 449 -7.89 28.08 -3.68
N ILE B 450 -8.37 28.00 -2.44
CA ILE B 450 -9.76 28.35 -2.13
C ILE B 450 -10.01 29.85 -2.28
N LEU B 451 -9.08 30.67 -1.78
CA LEU B 451 -9.19 32.12 -1.95
C LEU B 451 -9.27 32.50 -3.45
N HIS B 452 -8.47 31.82 -4.26
CA HIS B 452 -8.51 32.01 -5.72
C HIS B 452 -9.84 31.57 -6.32
N ALA B 453 -10.35 30.41 -5.89
CA ALA B 453 -11.64 29.90 -6.34
C ALA B 453 -12.80 30.87 -6.01
N MET B 454 -12.65 31.63 -4.93
CA MET B 454 -13.65 32.62 -4.52
C MET B 454 -13.44 33.98 -5.21
N GLY B 455 -12.42 34.05 -6.07
CA GLY B 455 -12.09 35.28 -6.79
C GLY B 455 -11.47 36.37 -5.94
N LYS B 456 -10.96 36.00 -4.76
CA LYS B 456 -10.36 36.96 -3.81
C LYS B 456 -8.88 37.29 -4.11
N ILE B 457 -8.17 36.36 -4.74
CA ILE B 457 -6.77 36.56 -5.13
C ILE B 457 -6.52 36.05 -6.55
N PRO B 458 -5.50 36.57 -7.24
CA PRO B 458 -5.15 36.09 -8.57
C PRO B 458 -4.42 34.75 -8.55
N GLU B 459 -4.40 34.07 -9.69
CA GLU B 459 -3.80 32.74 -9.84
C GLU B 459 -2.33 32.67 -9.40
N ASP B 460 -1.58 33.73 -9.69
CA ASP B 460 -0.15 33.78 -9.37
C ASP B 460 0.16 33.94 -7.88
N GLU B 461 -0.87 34.11 -7.06
CA GLU B 461 -0.67 34.21 -5.61
C GLU B 461 -0.97 32.91 -4.86
N ILE B 462 -1.37 31.85 -5.59
CA ILE B 462 -1.61 30.54 -4.98
C ILE B 462 -0.34 29.99 -4.34
N TRP B 463 0.75 29.99 -5.09
CA TRP B 463 2.06 29.60 -4.59
C TRP B 463 2.85 30.86 -4.26
N GLN B 464 3.41 30.91 -3.06
CA GLN B 464 4.13 32.10 -2.60
C GLN B 464 5.47 31.76 -1.96
N SER B 465 6.49 32.54 -2.32
CA SER B 465 7.82 32.38 -1.74
C SER B 465 7.83 32.82 -0.28
N GLU B 466 8.88 32.41 0.44
CA GLU B 466 9.03 32.76 1.86
C GLU B 466 10.38 33.45 2.09
N PRO B 467 10.36 34.64 2.73
CA PRO B 467 11.65 35.27 3.02
C PRO B 467 12.46 34.41 4.00
N GLU B 468 13.78 34.46 3.91
CA GLU B 468 14.63 33.69 4.81
C GLU B 468 14.56 34.18 6.25
N SER B 469 14.50 33.23 7.19
CA SER B 469 14.55 33.53 8.62
C SER B 469 15.83 34.28 8.99
N VAL B 470 15.69 35.34 9.79
CA VAL B 470 16.86 36.07 10.30
C VAL B 470 17.50 35.36 11.49
N ASP B 471 16.71 34.55 12.19
CA ASP B 471 17.14 33.84 13.38
C ASP B 471 17.86 32.54 13.04
N VAL B 472 17.47 31.93 11.92
CA VAL B 472 18.03 30.66 11.48
C VAL B 472 18.45 30.76 10.01
N PRO B 473 19.51 31.53 9.72
CA PRO B 473 19.93 31.69 8.33
C PRO B 473 20.61 30.43 7.80
N ALA B 474 20.48 30.21 6.49
CA ALA B 474 21.09 29.05 5.85
C ALA B 474 22.46 29.42 5.32
N GLN B 475 23.43 28.55 5.57
CA GLN B 475 24.73 28.65 4.94
C GLN B 475 24.77 27.71 3.74
N PRO B 476 25.52 28.08 2.69
CA PRO B 476 25.50 27.23 1.48
C PRO B 476 26.08 25.82 1.73
N ILE B 477 25.59 24.85 0.96
CA ILE B 477 26.14 23.49 0.98
C ILE B 477 27.28 23.47 -0.03
N THR B 478 28.45 23.02 0.42
CA THR B 478 29.62 22.97 -0.45
C THR B 478 30.15 21.54 -0.61
N THR B 479 30.96 21.35 -1.65
CA THR B 479 31.68 20.10 -1.90
C THR B 479 33.14 20.44 -2.23
N THR B 480 34.03 19.47 -2.09
CA THR B 480 35.44 19.66 -2.41
C THR B 480 35.73 19.15 -3.81
N PHE B 481 36.83 19.63 -4.40
CA PHE B 481 37.27 19.18 -5.72
C PHE B 481 37.36 17.64 -5.79
N LEU B 482 37.95 17.04 -4.75
CA LEU B 482 38.09 15.58 -4.69
C LEU B 482 36.75 14.87 -4.61
N GLU B 483 35.84 15.39 -3.79
CA GLU B 483 34.49 14.82 -3.70
C GLU B 483 33.80 14.83 -5.06
N ARG B 484 33.98 15.92 -5.82
CA ARG B 484 33.34 16.05 -7.13
C ARG B 484 33.94 15.13 -8.21
N HIS B 485 35.24 14.87 -8.12
CA HIS B 485 35.95 14.24 -9.24
C HIS B 485 36.59 12.87 -9.02
N LEU B 486 36.64 12.39 -7.78
CA LEU B 486 37.17 11.04 -7.55
C LEU B 486 36.28 10.00 -8.22
N PRO B 487 36.91 8.97 -8.82
CA PRO B 487 36.13 7.95 -9.52
C PRO B 487 35.35 7.05 -8.58
N SER B 488 34.30 6.43 -9.10
CA SER B 488 33.62 5.34 -8.41
C SER B 488 34.53 4.10 -8.42
N VAL B 489 34.11 3.03 -7.74
CA VAL B 489 34.85 1.76 -7.80
C VAL B 489 34.95 1.22 -9.24
N PRO B 490 33.80 1.08 -9.96
CA PRO B 490 33.89 0.64 -11.36
C PRO B 490 34.63 1.64 -12.26
N GLY B 491 34.59 2.92 -11.90
CA GLY B 491 35.35 3.95 -12.60
C GLY B 491 36.85 3.74 -12.49
N LEU B 492 37.32 3.37 -11.30
CA LEU B 492 38.73 3.05 -11.08
C LEU B 492 39.13 1.75 -11.78
N LEU B 493 38.18 0.82 -11.91
CA LEU B 493 38.42 -0.44 -12.62
C LEU B 493 38.53 -0.26 -14.13
N ARG B 494 37.69 0.61 -14.70
CA ARG B 494 37.71 0.91 -16.13
C ARG B 494 38.95 1.72 -16.51
N LEU B 495 39.44 2.52 -15.56
CA LEU B 495 40.69 3.26 -15.71
C LEU B 495 41.89 2.29 -15.69
N ILE B 496 41.69 1.13 -15.05
CA ILE B 496 42.68 0.06 -15.04
C ILE B 496 42.27 -1.04 -16.04
#